data_8VOM
#
_entry.id   8VOM
#
_cell.length_a   73.010
_cell.length_b   52.810
_cell.length_c   78.370
_cell.angle_alpha   90.000
_cell.angle_beta   108.680
_cell.angle_gamma   90.000
#
_symmetry.space_group_name_H-M   'P 1 21 1'
#
loop_
_entity.id
_entity.type
_entity.pdbx_description
1 polymer 'Spike protein'
2 non-polymer PHOSPHATIDYLETHANOLAMINE
3 water water
#
_entity_poly.entity_id   1
_entity_poly.type   'polypeptide(L)'
_entity_poly.pdbx_seq_one_letter_code
;GSGSDALHIRFPDGAVIEYEPETSALTVSGIKTASVTASGSVTATVPVVMVKASTRVTLDTPEVVCTNRLITGTLEVQKG
GTMRGNIEHTGGELSSNGKVLHTAKAPGDSGGTTGSPL
;
_entity_poly.pdbx_strand_id   A,B,C,D,E,F
#
loop_
_chem_comp.id
_chem_comp.type
_chem_comp.name
_chem_comp.formula
PTY non-polymer PHOSPHATIDYLETHANOLAMINE 'C40 H80 N O8 P'
#
# COMPACT_ATOMS: atom_id res chain seq x y z
N SER A 4 -4.89 -5.17 -20.25
CA SER A 4 -5.94 -6.11 -20.64
C SER A 4 -7.25 -5.77 -19.91
N ASP A 5 -8.27 -6.63 -20.09
CA ASP A 5 -9.49 -6.53 -19.31
C ASP A 5 -10.09 -7.91 -19.00
N ALA A 6 -9.39 -9.00 -19.28
CA ALA A 6 -9.85 -10.34 -18.94
C ALA A 6 -8.66 -11.19 -18.53
N LEU A 7 -8.93 -12.22 -17.71
CA LEU A 7 -7.92 -13.15 -17.22
C LEU A 7 -8.54 -14.54 -17.03
N HIS A 8 -8.21 -15.45 -17.93
CA HIS A 8 -8.55 -16.86 -17.79
C HIS A 8 -7.41 -17.62 -18.43
N ILE A 9 -6.60 -18.29 -17.63
CA ILE A 9 -5.47 -19.07 -18.12
C ILE A 9 -5.66 -20.49 -17.65
N ARG A 10 -5.62 -21.44 -18.58
CA ARG A 10 -5.71 -22.85 -18.24
C ARG A 10 -4.46 -23.53 -18.76
N PHE A 11 -3.75 -24.20 -17.89
CA PHE A 11 -2.45 -24.76 -18.22
C PHE A 11 -2.56 -26.24 -18.51
N PRO A 12 -1.55 -26.82 -19.16
CA PRO A 12 -1.68 -28.23 -19.59
C PRO A 12 -1.73 -29.21 -18.44
N ASP A 13 -1.35 -28.83 -17.23
CA ASP A 13 -1.45 -29.70 -16.08
C ASP A 13 -2.80 -29.61 -15.39
N GLY A 14 -3.74 -28.82 -15.93
CA GLY A 14 -5.03 -28.64 -15.32
C GLY A 14 -5.13 -27.46 -14.39
N ALA A 15 -4.03 -26.76 -14.14
CA ALA A 15 -4.08 -25.57 -13.31
C ALA A 15 -4.81 -24.43 -14.01
N VAL A 16 -5.41 -23.57 -13.20
CA VAL A 16 -6.16 -22.41 -13.66
C VAL A 16 -5.73 -21.19 -12.88
N ILE A 17 -5.56 -20.08 -13.57
CA ILE A 17 -5.50 -18.76 -12.97
C ILE A 17 -6.57 -17.94 -13.66
N GLU A 18 -7.53 -17.42 -12.89
CA GLU A 18 -8.68 -16.74 -13.48
CA GLU A 18 -8.59 -16.67 -13.52
C GLU A 18 -9.16 -15.63 -12.58
N TYR A 19 -9.72 -14.60 -13.20
CA TYR A 19 -10.48 -13.59 -12.50
C TYR A 19 -11.87 -13.53 -13.13
N GLU A 20 -12.89 -13.65 -12.29
CA GLU A 20 -14.28 -13.66 -12.74
C GLU A 20 -14.98 -12.39 -12.26
N PRO A 21 -15.18 -11.40 -13.13
CA PRO A 21 -15.81 -10.16 -12.67
C PRO A 21 -17.26 -10.30 -12.23
N GLU A 22 -17.99 -11.33 -12.67
CA GLU A 22 -19.39 -11.43 -12.31
C GLU A 22 -19.56 -11.57 -10.81
N THR A 23 -18.63 -12.28 -10.16
CA THR A 23 -18.63 -12.50 -8.72
C THR A 23 -17.41 -11.88 -8.07
N SER A 24 -16.61 -11.15 -8.85
CA SER A 24 -15.37 -10.51 -8.39
C SER A 24 -14.47 -11.50 -7.65
N ALA A 25 -14.23 -12.64 -8.29
CA ALA A 25 -13.52 -13.76 -7.68
C ALA A 25 -12.24 -14.07 -8.43
N LEU A 26 -11.11 -14.01 -7.71
CA LEU A 26 -9.80 -14.41 -8.22
C LEU A 26 -9.54 -15.84 -7.77
N THR A 27 -9.18 -16.71 -8.72
CA THR A 27 -8.95 -18.11 -8.42
C THR A 27 -7.64 -18.59 -9.01
N VAL A 28 -6.85 -19.25 -8.17
CA VAL A 28 -5.69 -20.03 -8.60
C VAL A 28 -5.97 -21.44 -8.10
N SER A 29 -5.99 -22.41 -9.00
CA SER A 29 -6.33 -23.77 -8.59
C SER A 29 -5.49 -24.77 -9.37
N GLY A 30 -5.41 -25.98 -8.83
CA GLY A 30 -4.80 -27.07 -9.56
C GLY A 30 -3.30 -27.02 -9.66
N ILE A 31 -2.64 -26.22 -8.84
CA ILE A 31 -1.19 -26.12 -8.81
C ILE A 31 -0.64 -27.05 -7.74
N LYS A 32 0.68 -27.30 -7.78
CA LYS A 32 1.34 -28.03 -6.71
CA LYS A 32 1.34 -28.03 -6.71
C LYS A 32 1.97 -27.09 -5.69
N THR A 33 2.72 -26.10 -6.16
CA THR A 33 3.37 -25.16 -5.26
C THR A 33 3.20 -23.73 -5.75
N ALA A 34 3.18 -22.81 -4.79
CA ALA A 34 3.37 -21.41 -5.06
C ALA A 34 4.47 -20.88 -4.14
N SER A 35 5.25 -19.95 -4.67
CA SER A 35 6.29 -19.29 -3.89
CA SER A 35 6.26 -19.28 -3.87
C SER A 35 6.28 -17.81 -4.27
N VAL A 36 6.23 -16.94 -3.28
CA VAL A 36 6.27 -15.50 -3.47
C VAL A 36 7.44 -14.97 -2.67
N THR A 37 8.39 -14.33 -3.35
CA THR A 37 9.58 -13.77 -2.73
C THR A 37 9.56 -12.26 -2.97
N ALA A 38 9.59 -11.50 -1.88
CA ALA A 38 9.50 -10.05 -1.93
C ALA A 38 10.51 -9.48 -0.95
N SER A 39 11.02 -8.27 -1.27
CA SER A 39 12.04 -7.69 -0.42
C SER A 39 11.48 -6.76 0.66
N GLY A 40 10.20 -6.40 0.61
CA GLY A 40 9.61 -5.43 1.52
C GLY A 40 8.48 -6.01 2.35
N SER A 41 7.29 -6.18 1.75
CA SER A 41 6.14 -6.65 2.49
C SER A 41 5.12 -7.33 1.59
N VAL A 42 4.36 -8.22 2.21
CA VAL A 42 3.18 -8.85 1.63
C VAL A 42 2.02 -8.55 2.56
N THR A 43 0.95 -7.99 2.00
CA THR A 43 -0.22 -7.55 2.77
C THR A 43 -1.50 -8.12 2.16
N ALA A 44 -2.39 -8.57 3.03
CA ALA A 44 -3.74 -8.93 2.63
C ALA A 44 -4.70 -8.15 3.51
N THR A 45 -5.68 -7.49 2.90
CA THR A 45 -6.66 -6.67 3.61
C THR A 45 -8.05 -7.10 3.16
N VAL A 46 -8.79 -7.75 4.05
CA VAL A 46 -10.03 -8.43 3.70
C VAL A 46 -10.73 -8.80 5.00
N PRO A 47 -12.06 -8.86 5.06
CA PRO A 47 -12.67 -9.18 6.36
C PRO A 47 -12.30 -10.55 6.89
N VAL A 48 -12.31 -11.57 6.04
CA VAL A 48 -12.15 -12.95 6.45
C VAL A 48 -10.96 -13.57 5.72
N VAL A 49 -10.05 -14.14 6.48
CA VAL A 49 -8.97 -14.95 5.95
C VAL A 49 -9.16 -16.37 6.44
N MET A 50 -9.09 -17.33 5.51
CA MET A 50 -9.20 -18.73 5.83
C MET A 50 -7.99 -19.46 5.25
N VAL A 51 -7.24 -20.12 6.11
CA VAL A 51 -6.12 -20.94 5.71
C VAL A 51 -6.45 -22.37 6.10
N LYS A 52 -6.72 -23.22 5.12
CA LYS A 52 -7.11 -24.61 5.32
C LYS A 52 -5.90 -25.46 4.93
N ALA A 53 -5.17 -25.94 5.93
CA ALA A 53 -3.86 -26.57 5.70
C ALA A 53 -3.86 -27.92 6.42
N SER A 54 -4.01 -29.00 5.64
CA SER A 54 -4.19 -30.31 6.24
C SER A 54 -2.95 -30.84 6.94
N THR A 55 -1.77 -30.27 6.69
CA THR A 55 -0.56 -30.66 7.42
C THR A 55 -0.20 -29.65 8.50
N ARG A 56 0.17 -28.43 8.11
CA ARG A 56 0.72 -27.49 9.08
C ARG A 56 0.88 -26.11 8.48
N VAL A 57 0.66 -25.10 9.31
CA VAL A 57 1.00 -23.72 9.00
C VAL A 57 2.21 -23.35 9.86
N THR A 58 3.31 -22.96 9.21
CA THR A 58 4.52 -22.53 9.90
C THR A 58 4.74 -21.04 9.66
N LEU A 59 4.84 -20.30 10.76
CA LEU A 59 5.15 -18.88 10.77
C LEU A 59 6.57 -18.75 11.30
N ASP A 60 7.52 -18.76 10.38
CA ASP A 60 8.95 -18.77 10.72
C ASP A 60 9.43 -17.32 10.70
N THR A 61 9.41 -16.72 11.87
CA THR A 61 9.61 -15.29 12.00
C THR A 61 10.05 -15.01 13.42
N PRO A 62 10.76 -13.90 13.67
CA PRO A 62 11.08 -13.56 15.05
C PRO A 62 9.86 -13.34 15.91
N GLU A 63 8.78 -12.82 15.30
CA GLU A 63 7.61 -12.40 16.05
CA GLU A 63 7.61 -12.40 16.05
C GLU A 63 6.36 -12.59 15.23
N VAL A 64 5.38 -13.33 15.78
CA VAL A 64 4.00 -13.34 15.31
C VAL A 64 3.21 -12.48 16.28
N VAL A 65 2.49 -11.49 15.75
CA VAL A 65 1.68 -10.60 16.57
C VAL A 65 0.22 -10.78 16.21
N CYS A 66 -0.59 -11.17 17.19
CA CYS A 66 -2.04 -11.16 17.06
C CYS A 66 -2.52 -9.94 17.84
N THR A 67 -3.16 -9.00 17.15
CA THR A 67 -3.39 -7.71 17.76
C THR A 67 -4.50 -7.73 18.81
N ASN A 68 -5.37 -8.73 18.79
CA ASN A 68 -6.49 -8.78 19.73
C ASN A 68 -6.56 -10.19 20.33
N ARG A 69 -7.59 -10.96 19.99
CA ARG A 69 -7.78 -12.27 20.58
C ARG A 69 -7.11 -13.35 19.74
N LEU A 70 -6.56 -14.34 20.46
CA LEU A 70 -6.05 -15.57 19.88
C LEU A 70 -6.76 -16.73 20.58
N ILE A 71 -7.37 -17.60 19.79
CA ILE A 71 -8.10 -18.75 20.27
C ILE A 71 -7.41 -19.97 19.69
N THR A 72 -7.15 -20.97 20.51
CA THR A 72 -6.56 -22.21 20.05
C THR A 72 -7.18 -23.39 20.79
N GLY A 73 -7.13 -24.55 20.14
CA GLY A 73 -7.55 -25.77 20.79
C GLY A 73 -6.60 -26.15 21.90
N THR A 74 -5.36 -26.41 21.54
CA THR A 74 -4.32 -26.69 22.50
C THR A 74 -3.13 -25.77 22.26
N LEU A 75 -2.33 -25.60 23.31
CA LEU A 75 -1.18 -24.71 23.28
C LEU A 75 0.05 -25.44 23.80
N GLU A 76 1.18 -25.23 23.11
CA GLU A 76 2.48 -25.66 23.60
C GLU A 76 3.43 -24.47 23.53
N VAL A 77 3.98 -24.08 24.67
CA VAL A 77 5.00 -23.04 24.78
C VAL A 77 6.30 -23.74 25.11
N GLN A 78 7.30 -23.56 24.24
CA GLN A 78 8.51 -24.38 24.36
C GLN A 78 9.57 -23.80 25.28
N LYS A 79 9.70 -22.47 25.34
CA LYS A 79 10.84 -21.82 25.99
C LYS A 79 10.42 -20.62 26.83
N GLY A 80 9.24 -20.68 27.42
CA GLY A 80 8.86 -19.69 28.41
C GLY A 80 8.07 -18.53 27.84
N GLY A 81 7.78 -17.59 28.73
CA GLY A 81 7.05 -16.42 28.30
C GLY A 81 6.52 -15.61 29.46
N THR A 82 5.66 -14.66 29.10
CA THR A 82 5.06 -13.72 30.04
C THR A 82 3.57 -13.60 29.77
N MET A 83 2.81 -13.45 30.85
CA MET A 83 1.39 -13.22 30.76
C MET A 83 1.05 -12.04 31.65
N ARG A 84 0.31 -11.10 31.10
CA ARG A 84 -0.14 -9.93 31.84
CA ARG A 84 -0.14 -9.92 31.84
C ARG A 84 -1.67 -9.87 31.82
N GLY A 85 -2.22 -9.35 32.89
CA GLY A 85 -3.66 -9.25 33.04
C GLY A 85 -4.20 -10.43 33.82
N ASN A 86 -5.52 -10.52 33.86
CA ASN A 86 -6.17 -11.62 34.55
C ASN A 86 -6.14 -12.86 33.66
N ILE A 87 -5.73 -13.97 34.24
CA ILE A 87 -5.68 -15.26 33.56
C ILE A 87 -6.55 -16.20 34.36
N GLU A 88 -7.65 -16.66 33.76
CA GLU A 88 -8.61 -17.53 34.43
CA GLU A 88 -8.61 -17.53 34.42
C GLU A 88 -8.52 -18.93 33.85
N HIS A 89 -8.14 -19.89 34.68
CA HIS A 89 -8.11 -21.29 34.30
C HIS A 89 -9.31 -22.02 34.90
N THR A 90 -9.95 -22.86 34.08
CA THR A 90 -11.06 -23.68 34.56
C THR A 90 -11.05 -25.01 33.83
N GLY A 91 -11.89 -25.94 34.30
CA GLY A 91 -12.15 -27.17 33.57
C GLY A 91 -11.00 -28.14 33.47
N GLY A 92 -10.21 -28.25 34.52
CA GLY A 92 -9.11 -29.20 34.52
C GLY A 92 -8.14 -28.86 35.63
N GLU A 93 -6.93 -29.41 35.52
CA GLU A 93 -5.89 -29.22 36.51
C GLU A 93 -4.77 -28.36 35.92
N LEU A 94 -4.34 -27.35 36.66
CA LEU A 94 -3.16 -26.58 36.33
C LEU A 94 -2.05 -27.07 37.25
N SER A 95 -0.94 -27.53 36.66
CA SER A 95 0.14 -28.13 37.41
C SER A 95 1.47 -27.51 37.02
N SER A 96 2.42 -27.49 37.96
CA SER A 96 3.76 -27.03 37.64
C SER A 96 4.75 -28.01 38.23
N ASN A 97 5.59 -28.58 37.37
CA ASN A 97 6.59 -29.57 37.78
C ASN A 97 5.93 -30.70 38.56
N GLY A 98 4.80 -31.17 38.03
CA GLY A 98 4.09 -32.32 38.56
C GLY A 98 3.23 -32.06 39.78
N LYS A 99 2.94 -30.81 40.10
CA LYS A 99 2.21 -30.44 41.30
C LYS A 99 0.97 -29.64 40.92
N VAL A 100 -0.21 -30.19 41.23
CA VAL A 100 -1.46 -29.50 40.94
C VAL A 100 -1.61 -28.31 41.87
N LEU A 101 -2.28 -27.27 41.38
CA LEU A 101 -2.42 -26.03 42.13
C LEU A 101 -3.88 -25.74 42.45
N SER B 4 -5.11 -17.77 -22.10
CA SER B 4 -3.91 -18.38 -22.68
C SER B 4 -3.66 -19.76 -22.06
N ASP B 5 -2.44 -20.29 -22.27
CA ASP B 5 -2.00 -21.53 -21.62
C ASP B 5 -0.54 -21.48 -21.17
N ALA B 6 0.08 -20.30 -21.12
CA ALA B 6 1.45 -20.14 -20.67
C ALA B 6 1.60 -18.84 -19.89
N LEU B 7 2.64 -18.78 -19.04
CA LEU B 7 2.88 -17.62 -18.17
C LEU B 7 4.37 -17.48 -17.81
N HIS B 8 5.03 -16.49 -18.39
CA HIS B 8 6.37 -16.06 -18.00
C HIS B 8 6.35 -14.55 -18.26
N ILE B 9 6.09 -13.76 -17.23
CA ILE B 9 6.11 -12.30 -17.34
C ILE B 9 7.39 -11.81 -16.69
N ARG B 10 8.21 -11.09 -17.46
CA ARG B 10 9.52 -10.62 -17.02
C ARG B 10 9.49 -9.10 -17.10
N PHE B 11 9.45 -8.48 -15.96
CA PHE B 11 9.27 -7.05 -15.84
C PHE B 11 10.61 -6.31 -15.88
N PRO B 12 10.58 -5.01 -16.21
CA PRO B 12 11.84 -4.27 -16.38
C PRO B 12 12.61 -4.01 -15.12
N ASP B 13 12.03 -4.21 -13.94
CA ASP B 13 12.75 -4.08 -12.67
C ASP B 13 13.35 -5.40 -12.21
N GLY B 14 13.29 -6.45 -13.03
CA GLY B 14 13.80 -7.76 -12.65
C GLY B 14 12.78 -8.69 -12.03
N ALA B 15 11.57 -8.23 -11.76
CA ALA B 15 10.55 -9.12 -11.24
C ALA B 15 10.08 -10.12 -12.29
N VAL B 16 9.62 -11.28 -11.83
CA VAL B 16 9.10 -12.32 -12.71
C VAL B 16 7.87 -12.94 -12.07
N ILE B 17 6.85 -13.18 -12.89
CA ILE B 17 5.71 -14.00 -12.53
C ILE B 17 5.67 -15.14 -13.54
N GLU B 18 5.71 -16.37 -13.06
CA GLU B 18 5.72 -17.46 -14.01
C GLU B 18 5.06 -18.71 -13.44
N TYR B 19 4.59 -19.54 -14.35
CA TYR B 19 4.02 -20.83 -14.00
C TYR B 19 4.68 -21.89 -14.88
N GLU B 20 5.10 -22.98 -14.26
CA GLU B 20 5.73 -24.09 -14.96
C GLU B 20 4.84 -25.31 -14.81
N PRO B 21 4.15 -25.75 -15.87
CA PRO B 21 3.21 -26.86 -15.70
C PRO B 21 3.85 -28.21 -15.45
N GLU B 22 5.11 -28.43 -15.85
CA GLU B 22 5.70 -29.75 -15.64
C GLU B 22 5.92 -30.04 -14.17
N THR B 23 6.26 -29.04 -13.38
CA THR B 23 6.39 -29.15 -11.94
C THR B 23 5.20 -28.55 -11.21
N SER B 24 4.25 -27.95 -11.95
CA SER B 24 3.07 -27.30 -11.40
C SER B 24 3.43 -26.27 -10.35
N ALA B 25 4.42 -25.43 -10.68
CA ALA B 25 4.98 -24.44 -9.77
C ALA B 25 4.68 -23.03 -10.24
N LEU B 26 4.06 -22.26 -9.37
CA LEU B 26 3.80 -20.84 -9.57
C LEU B 26 4.85 -20.06 -8.77
N THR B 27 5.54 -19.13 -9.44
CA THR B 27 6.60 -18.36 -8.81
CA THR B 27 6.57 -18.35 -8.77
C THR B 27 6.38 -16.87 -9.07
N VAL B 28 6.48 -16.09 -8.00
CA VAL B 28 6.52 -14.64 -8.07
C VAL B 28 7.80 -14.24 -7.36
N SER B 29 8.66 -13.48 -8.04
CA SER B 29 9.95 -13.14 -7.47
C SER B 29 10.37 -11.75 -7.91
N GLY B 30 11.32 -11.18 -7.17
CA GLY B 30 11.94 -9.93 -7.55
C GLY B 30 11.12 -8.70 -7.32
N ILE B 31 10.07 -8.81 -6.51
CA ILE B 31 9.20 -7.69 -6.20
C ILE B 31 9.59 -7.10 -4.85
N LYS B 32 9.11 -5.88 -4.60
CA LYS B 32 9.28 -5.25 -3.29
C LYS B 32 8.06 -5.50 -2.42
N THR B 33 6.85 -5.27 -2.96
CA THR B 33 5.63 -5.43 -2.20
C THR B 33 4.60 -6.17 -3.02
N ALA B 34 3.75 -6.91 -2.32
CA ALA B 34 2.53 -7.44 -2.86
C ALA B 34 1.40 -7.09 -1.91
N SER B 35 0.23 -6.86 -2.48
CA SER B 35 -0.97 -6.65 -1.70
C SER B 35 -2.19 -7.14 -2.41
N VAL B 36 -3.10 -7.70 -1.62
CA VAL B 36 -4.42 -8.09 -2.09
CA VAL B 36 -4.42 -8.09 -2.09
C VAL B 36 -5.43 -7.43 -1.17
N THR B 37 -6.38 -6.69 -1.77
CA THR B 37 -7.46 -6.03 -1.04
C THR B 37 -8.78 -6.57 -1.59
N ALA B 38 -9.57 -7.16 -0.71
CA ALA B 38 -10.80 -7.84 -1.06
C ALA B 38 -11.88 -7.47 -0.06
N SER B 39 -13.13 -7.48 -0.52
CA SER B 39 -14.23 -7.09 0.35
C SER B 39 -14.89 -8.25 1.07
N GLY B 40 -14.58 -9.49 0.69
CA GLY B 40 -15.21 -10.67 1.25
C GLY B 40 -14.25 -11.58 1.97
N SER B 41 -13.45 -12.37 1.22
CA SER B 41 -12.58 -13.36 1.85
C SER B 41 -11.38 -13.65 0.97
N VAL B 42 -10.30 -14.08 1.65
CA VAL B 42 -9.13 -14.64 1.01
C VAL B 42 -8.92 -16.01 1.64
N THR B 43 -8.80 -17.02 0.79
CA THR B 43 -8.68 -18.41 1.21
C THR B 43 -7.45 -19.04 0.56
N ALA B 44 -6.72 -19.83 1.34
CA ALA B 44 -5.65 -20.66 0.82
C ALA B 44 -5.90 -22.07 1.32
N THR B 45 -5.91 -23.05 0.41
CA THR B 45 -6.18 -24.45 0.73
C THR B 45 -5.02 -25.26 0.17
N VAL B 46 -4.18 -25.78 1.06
CA VAL B 46 -2.94 -26.43 0.65
C VAL B 46 -2.39 -27.13 1.89
N PRO B 47 -1.75 -28.30 1.77
CA PRO B 47 -1.37 -29.00 3.01
C PRO B 47 -0.39 -28.22 3.88
N VAL B 48 0.59 -27.57 3.27
CA VAL B 48 1.66 -26.87 3.95
C VAL B 48 1.63 -25.41 3.57
N VAL B 49 1.57 -24.54 4.58
CA VAL B 49 1.76 -23.10 4.41
C VAL B 49 3.02 -22.73 5.17
N MET B 50 3.94 -22.09 4.48
CA MET B 50 5.23 -21.69 5.01
C MET B 50 5.44 -20.20 4.84
N VAL B 51 5.57 -19.48 5.95
CA VAL B 51 5.83 -18.06 5.92
C VAL B 51 7.20 -17.82 6.53
N LYS B 52 8.12 -17.29 5.73
CA LYS B 52 9.48 -16.99 6.18
C LYS B 52 9.59 -15.47 6.20
N ALA B 53 9.41 -14.88 7.36
CA ALA B 53 9.34 -13.42 7.51
C ALA B 53 10.42 -13.00 8.49
N SER B 54 11.48 -12.41 7.95
CA SER B 54 12.65 -12.12 8.77
C SER B 54 12.41 -11.01 9.79
N THR B 55 11.38 -10.20 9.62
CA THR B 55 11.00 -9.20 10.62
C THR B 55 9.79 -9.62 11.44
N ARG B 56 8.63 -9.85 10.81
CA ARG B 56 7.42 -10.03 11.59
C ARG B 56 6.26 -10.52 10.73
N VAL B 57 5.37 -11.30 11.35
CA VAL B 57 4.05 -11.61 10.81
C VAL B 57 3.04 -10.99 11.76
N THR B 58 2.22 -10.08 11.25
CA THR B 58 1.16 -9.47 12.04
C THR B 58 -0.20 -9.93 11.52
N LEU B 59 -1.00 -10.45 12.44
CA LEU B 59 -2.39 -10.85 12.20
C LEU B 59 -3.22 -9.80 12.94
N ASP B 60 -3.60 -8.75 12.21
CA ASP B 60 -4.28 -7.58 12.76
C ASP B 60 -5.77 -7.79 12.54
N THR B 61 -6.41 -8.37 13.54
CA THR B 61 -7.76 -8.89 13.39
C THR B 61 -8.38 -9.00 14.78
N PRO B 62 -9.71 -8.92 14.89
CA PRO B 62 -10.32 -9.15 16.21
C PRO B 62 -10.01 -10.53 16.76
N GLU B 63 -9.85 -11.52 15.90
CA GLU B 63 -9.72 -12.89 16.36
C GLU B 63 -8.88 -13.70 15.39
N VAL B 64 -7.83 -14.34 15.92
CA VAL B 64 -7.13 -15.40 15.23
C VAL B 64 -7.58 -16.72 15.85
N VAL B 65 -7.99 -17.66 15.02
CA VAL B 65 -8.44 -18.97 15.47
C VAL B 65 -7.51 -20.02 14.91
N CYS B 66 -6.89 -20.78 15.79
CA CYS B 66 -6.16 -21.98 15.43
C CYS B 66 -7.05 -23.15 15.82
N THR B 67 -7.43 -23.98 14.85
CA THR B 67 -8.51 -24.93 15.12
C THR B 67 -8.06 -26.13 15.93
N ASN B 68 -6.75 -26.37 16.04
CA ASN B 68 -6.23 -27.52 16.77
C ASN B 68 -5.07 -27.07 17.64
N ARG B 69 -3.85 -27.46 17.30
CA ARG B 69 -2.68 -27.16 18.12
CA ARG B 69 -2.67 -27.17 18.11
C ARG B 69 -1.97 -25.90 17.65
N LEU B 70 -1.44 -25.17 18.63
CA LEU B 70 -0.58 -24.02 18.43
C LEU B 70 0.68 -24.26 19.25
N ILE B 71 1.83 -24.15 18.59
CA ILE B 71 3.15 -24.32 19.18
C ILE B 71 3.90 -23.01 18.98
N THR B 72 4.53 -22.52 20.05
CA THR B 72 5.37 -21.34 19.94
C THR B 72 6.62 -21.52 20.78
N GLY B 73 7.68 -20.80 20.39
CA GLY B 73 8.89 -20.74 21.17
C GLY B 73 8.68 -20.04 22.50
N THR B 74 8.33 -18.76 22.42
CA THR B 74 7.96 -17.99 23.60
C THR B 74 6.60 -17.36 23.36
N LEU B 75 5.96 -16.98 24.47
CA LEU B 75 4.62 -16.44 24.46
C LEU B 75 4.58 -15.15 25.28
N GLU B 76 3.88 -14.15 24.76
CA GLU B 76 3.60 -12.92 25.49
C GLU B 76 2.11 -12.63 25.35
N VAL B 77 1.39 -12.68 26.46
CA VAL B 77 -0.02 -12.33 26.51
C VAL B 77 -0.12 -10.97 27.20
N GLN B 78 -0.77 -10.01 26.54
CA GLN B 78 -0.69 -8.63 27.00
C GLN B 78 -1.84 -8.22 27.91
N LYS B 79 -3.04 -8.79 27.71
CA LYS B 79 -4.25 -8.28 28.34
C LYS B 79 -5.12 -9.42 28.87
N GLY B 80 -4.51 -10.53 29.26
CA GLY B 80 -5.23 -11.58 29.95
C GLY B 80 -5.79 -12.65 29.04
N GLY B 81 -6.58 -13.51 29.65
CA GLY B 81 -7.21 -14.57 28.89
C GLY B 81 -7.71 -15.70 29.77
N THR B 82 -8.08 -16.77 29.08
CA THR B 82 -8.68 -17.92 29.74
C THR B 82 -8.02 -19.19 29.21
N MET B 83 -7.89 -20.15 30.10
CA MET B 83 -7.34 -21.44 29.74
C MET B 83 -8.27 -22.50 30.31
N ARG B 84 -8.67 -23.43 29.47
CA ARG B 84 -9.56 -24.51 29.83
CA ARG B 84 -9.56 -24.51 29.85
C ARG B 84 -8.89 -25.85 29.54
N GLY B 85 -9.20 -26.84 30.37
CA GLY B 85 -8.56 -28.13 30.25
C GLY B 85 -7.35 -28.22 31.15
N ASN B 86 -6.60 -29.31 31.01
CA ASN B 86 -5.39 -29.48 31.81
C ASN B 86 -4.27 -28.64 31.22
N ILE B 87 -3.59 -27.89 32.08
CA ILE B 87 -2.45 -27.06 31.71
C ILE B 87 -1.25 -27.54 32.52
N GLU B 88 -0.25 -28.08 31.84
CA GLU B 88 0.92 -28.66 32.49
C GLU B 88 2.13 -27.78 32.27
N HIS B 89 2.66 -27.24 33.34
CA HIS B 89 3.90 -26.48 33.26
C HIS B 89 5.04 -27.35 33.76
N THR B 90 6.16 -27.32 33.03
CA THR B 90 7.34 -28.05 33.44
C THR B 90 8.59 -27.28 33.01
N GLY B 91 9.73 -27.70 33.55
CA GLY B 91 11.01 -27.24 33.04
C GLY B 91 11.33 -25.79 33.30
N GLY B 92 10.96 -25.29 34.48
CA GLY B 92 11.22 -23.92 34.84
C GLY B 92 10.33 -23.51 36.00
N GLU B 93 10.19 -22.21 36.18
CA GLU B 93 9.41 -21.63 37.27
C GLU B 93 8.20 -20.89 36.71
N LEU B 94 7.02 -21.19 37.26
CA LEU B 94 5.81 -20.45 36.97
C LEU B 94 5.58 -19.48 38.12
N SER B 95 5.59 -18.19 37.82
CA SER B 95 5.48 -17.16 38.84
C SER B 95 4.29 -16.26 38.55
N SER B 96 3.73 -15.68 39.61
CA SER B 96 2.67 -14.68 39.43
C SER B 96 2.91 -13.55 40.43
N ASN B 97 2.90 -12.32 39.92
CA ASN B 97 3.14 -11.13 40.73
C ASN B 97 4.34 -11.32 41.65
N GLY B 98 5.38 -11.94 41.10
CA GLY B 98 6.67 -12.03 41.74
C GLY B 98 6.94 -13.29 42.53
N LYS B 99 5.97 -14.18 42.66
CA LYS B 99 6.08 -15.36 43.51
C LYS B 99 6.04 -16.63 42.68
N VAL B 100 7.02 -17.51 42.91
CA VAL B 100 7.12 -18.77 42.18
C VAL B 100 6.11 -19.76 42.76
N LEU B 101 5.16 -20.18 41.94
CA LEU B 101 4.19 -21.19 42.35
C LEU B 101 4.82 -22.57 42.27
N GLY C 1 18.17 -6.43 -21.36
CA GLY C 1 17.69 -5.80 -20.14
C GLY C 1 17.00 -6.81 -19.24
N SER C 2 16.44 -6.35 -18.10
CA SER C 2 15.76 -7.27 -17.20
C SER C 2 14.47 -7.84 -17.76
N GLY C 3 13.83 -7.17 -18.71
CA GLY C 3 12.55 -7.59 -19.22
C GLY C 3 11.72 -6.40 -19.65
N SER C 4 10.78 -6.64 -20.56
CA SER C 4 9.94 -5.57 -21.09
C SER C 4 8.45 -5.83 -20.91
N ASP C 5 8.07 -6.89 -20.19
CA ASP C 5 6.66 -7.19 -20.08
C ASP C 5 5.98 -6.28 -19.09
N ALA C 6 4.64 -6.32 -19.11
CA ALA C 6 3.82 -5.46 -18.29
C ALA C 6 2.57 -6.23 -17.89
N LEU C 7 1.94 -5.74 -16.82
CA LEU C 7 0.73 -6.36 -16.27
C LEU C 7 -0.13 -5.23 -15.72
N HIS C 8 -1.24 -4.96 -16.38
CA HIS C 8 -2.19 -3.99 -15.88
C HIS C 8 -3.55 -4.35 -16.47
N ILE C 9 -4.38 -4.98 -15.67
CA ILE C 9 -5.69 -5.43 -16.11
C ILE C 9 -6.73 -4.72 -15.26
N ARG C 10 -7.64 -4.00 -15.90
CA ARG C 10 -8.78 -3.38 -15.22
C ARG C 10 -10.04 -4.07 -15.71
N PHE C 11 -10.78 -4.62 -14.79
CA PHE C 11 -11.93 -5.43 -15.09
C PHE C 11 -13.21 -4.61 -14.97
N PRO C 12 -14.30 -5.07 -15.58
CA PRO C 12 -15.54 -4.26 -15.59
C PRO C 12 -16.19 -4.10 -14.22
N ASP C 13 -15.80 -4.88 -13.24
CA ASP C 13 -16.31 -4.69 -11.89
C ASP C 13 -15.48 -3.68 -11.10
N GLY C 14 -14.47 -3.04 -11.71
CA GLY C 14 -13.59 -2.12 -11.03
C GLY C 14 -12.35 -2.76 -10.44
N ALA C 15 -12.23 -4.08 -10.46
CA ALA C 15 -11.03 -4.70 -9.94
C ALA C 15 -9.84 -4.39 -10.83
N VAL C 16 -8.68 -4.38 -10.19
CA VAL C 16 -7.42 -4.17 -10.89
C VAL C 16 -6.42 -5.22 -10.43
N ILE C 17 -5.74 -5.81 -11.41
CA ILE C 17 -4.60 -6.68 -11.16
C ILE C 17 -3.44 -6.05 -11.93
N GLU C 18 -2.39 -5.64 -11.21
CA GLU C 18 -1.33 -4.90 -11.87
CA GLU C 18 -1.32 -4.95 -11.91
C GLU C 18 0.00 -5.13 -11.18
N TYR C 19 1.06 -4.90 -11.94
CA TYR C 19 2.40 -4.81 -11.41
C TYR C 19 2.93 -3.44 -11.81
N GLU C 20 3.43 -2.73 -10.82
CA GLU C 20 3.97 -1.39 -11.04
C GLU C 20 5.48 -1.48 -10.88
N PRO C 21 6.24 -1.55 -11.97
CA PRO C 21 7.69 -1.69 -11.83
C PRO C 21 8.38 -0.49 -11.21
N GLU C 22 7.73 0.69 -11.22
CA GLU C 22 8.33 1.89 -10.64
C GLU C 22 8.63 1.71 -9.15
N THR C 23 7.73 1.02 -8.45
CA THR C 23 7.82 0.77 -7.02
C THR C 23 7.94 -0.73 -6.75
N SER C 24 8.03 -1.54 -7.79
CA SER C 24 8.07 -3.00 -7.69
C SER C 24 6.91 -3.54 -6.82
N ALA C 25 5.70 -3.07 -7.13
CA ALA C 25 4.51 -3.36 -6.33
C ALA C 25 3.52 -4.16 -7.14
N LEU C 26 3.22 -5.38 -6.67
CA LEU C 26 2.17 -6.22 -7.24
C LEU C 26 0.90 -5.98 -6.44
N THR C 27 -0.20 -5.61 -7.13
CA THR C 27 -1.43 -5.20 -6.47
CA THR C 27 -1.41 -5.24 -6.45
C THR C 27 -2.63 -5.88 -7.09
N VAL C 28 -3.49 -6.41 -6.23
CA VAL C 28 -4.81 -6.87 -6.57
C VAL C 28 -5.76 -6.07 -5.70
N SER C 29 -6.71 -5.39 -6.32
CA SER C 29 -7.65 -4.58 -5.56
C SER C 29 -9.03 -4.63 -6.18
N GLY C 30 -10.02 -4.25 -5.39
CA GLY C 30 -11.37 -4.14 -5.88
C GLY C 30 -12.08 -5.45 -6.11
N ILE C 31 -11.60 -6.53 -5.51
CA ILE C 31 -12.18 -7.85 -5.68
C ILE C 31 -13.05 -8.16 -4.47
N LYS C 32 -13.85 -9.22 -4.58
CA LYS C 32 -14.62 -9.73 -3.46
C LYS C 32 -13.94 -10.91 -2.78
N THR C 33 -13.51 -11.89 -3.57
CA THR C 33 -12.88 -13.08 -3.02
C THR C 33 -11.61 -13.43 -3.79
N ALA C 34 -10.66 -14.03 -3.09
CA ALA C 34 -9.54 -14.69 -3.71
C ALA C 34 -9.39 -16.05 -3.08
N SER C 35 -8.97 -17.01 -3.89
CA SER C 35 -8.65 -18.33 -3.39
C SER C 35 -7.47 -18.91 -4.15
N VAL C 36 -6.61 -19.57 -3.39
CA VAL C 36 -5.49 -20.32 -3.97
CA VAL C 36 -5.49 -20.32 -3.95
C VAL C 36 -5.57 -21.74 -3.42
N THR C 37 -5.58 -22.70 -4.33
CA THR C 37 -5.63 -24.11 -3.98
C THR C 37 -4.43 -24.80 -4.62
N ALA C 38 -3.64 -25.46 -3.78
CA ALA C 38 -2.42 -26.12 -4.19
C ALA C 38 -2.34 -27.46 -3.50
N SER C 39 -1.70 -28.43 -4.15
CA SER C 39 -1.63 -29.78 -3.59
C SER C 39 -0.41 -30.01 -2.72
N GLY C 40 0.58 -29.13 -2.77
CA GLY C 40 1.86 -29.31 -2.09
C GLY C 40 2.08 -28.26 -1.02
N SER C 41 2.46 -27.05 -1.41
CA SER C 41 2.77 -26.01 -0.44
C SER C 41 2.66 -24.63 -1.05
N VAL C 42 2.46 -23.65 -0.18
CA VAL C 42 2.59 -22.24 -0.50
CA VAL C 42 2.62 -22.25 -0.52
C VAL C 42 3.64 -21.65 0.43
N THR C 43 4.59 -20.91 -0.12
CA THR C 43 5.61 -20.22 0.65
C THR C 43 5.58 -18.74 0.32
N ALA C 44 5.68 -17.92 1.36
CA ALA C 44 5.95 -16.50 1.20
C ALA C 44 7.22 -16.17 1.97
N THR C 45 8.17 -15.53 1.30
CA THR C 45 9.46 -15.15 1.88
C THR C 45 9.62 -13.64 1.69
N VAL C 46 9.54 -12.90 2.80
CA VAL C 46 9.48 -11.45 2.74
C VAL C 46 9.70 -10.94 4.17
N PRO C 47 10.34 -9.79 4.40
CA PRO C 47 10.57 -9.40 5.80
C PRO C 47 9.30 -9.24 6.62
N VAL C 48 8.28 -8.59 6.04
CA VAL C 48 7.07 -8.19 6.75
C VAL C 48 5.85 -8.81 6.08
N VAL C 49 5.05 -9.51 6.87
CA VAL C 49 3.74 -9.98 6.44
C VAL C 49 2.70 -9.29 7.30
N MET C 50 1.70 -8.71 6.65
CA MET C 50 0.59 -8.02 7.31
C MET C 50 -0.72 -8.59 6.81
N VAL C 51 -1.51 -9.14 7.73
CA VAL C 51 -2.83 -9.65 7.43
C VAL C 51 -3.80 -8.80 8.22
N LYS C 52 -4.53 -7.94 7.52
CA LYS C 52 -5.43 -6.96 8.13
C LYS C 52 -6.86 -7.43 7.85
N ALA C 53 -7.47 -8.10 8.84
CA ALA C 53 -8.73 -8.80 8.65
C ALA C 53 -9.74 -8.31 9.68
N SER C 54 -10.72 -7.55 9.22
CA SER C 54 -11.64 -6.89 10.13
C SER C 54 -12.59 -7.85 10.84
N THR C 55 -12.76 -9.08 10.34
CA THR C 55 -13.55 -10.10 11.03
C THR C 55 -12.69 -11.17 11.70
N ARG C 56 -11.87 -11.91 10.94
CA ARG C 56 -11.22 -13.07 11.53
C ARG C 56 -10.14 -13.60 10.60
N VAL C 57 -9.11 -14.18 11.22
CA VAL C 57 -8.14 -15.03 10.54
C VAL C 57 -8.27 -16.42 11.15
N THR C 58 -8.61 -17.41 10.32
CA THR C 58 -8.70 -18.80 10.78
C THR C 58 -7.56 -19.59 10.16
N LEU C 59 -6.80 -20.27 11.02
CA LEU C 59 -5.74 -21.20 10.63
C LEU C 59 -6.31 -22.58 10.97
N ASP C 60 -6.94 -23.19 9.98
CA ASP C 60 -7.64 -24.46 10.15
C ASP C 60 -6.69 -25.57 9.73
N THR C 61 -5.97 -26.09 10.73
CA THR C 61 -4.82 -26.95 10.47
C THR C 61 -4.58 -27.76 11.72
N PRO C 62 -3.98 -28.95 11.60
CA PRO C 62 -3.63 -29.69 12.82
C PRO C 62 -2.67 -28.92 13.72
N GLU C 63 -1.81 -28.09 13.14
CA GLU C 63 -0.76 -27.44 13.91
CA GLU C 63 -0.74 -27.46 13.89
C GLU C 63 -0.35 -26.13 13.26
N VAL C 64 -0.32 -25.09 14.09
CA VAL C 64 0.30 -23.81 13.75
C VAL C 64 1.59 -23.75 14.55
N VAL C 65 2.70 -23.47 13.88
CA VAL C 65 4.01 -23.37 14.54
C VAL C 65 4.52 -21.95 14.37
N CYS C 66 4.77 -21.27 15.49
CA CYS C 66 5.47 -19.99 15.50
C CYS C 66 6.89 -20.29 15.98
N THR C 67 7.88 -20.02 15.15
CA THR C 67 9.22 -20.55 15.44
C THR C 67 9.94 -19.80 16.56
N ASN C 68 9.48 -18.59 16.92
CA ASN C 68 10.15 -17.81 17.95
C ASN C 68 9.08 -17.27 18.89
N ARG C 69 8.84 -15.96 18.87
CA ARG C 69 7.88 -15.33 19.78
C ARG C 69 6.50 -15.21 19.17
N LEU C 70 5.50 -15.38 20.03
CA LEU C 70 4.11 -15.12 19.72
C LEU C 70 3.60 -14.12 20.74
N ILE C 71 3.07 -13.00 20.27
CA ILE C 71 2.49 -11.95 21.09
C ILE C 71 1.01 -11.87 20.76
N THR C 72 0.18 -11.81 21.79
CA THR C 72 -1.25 -11.64 21.59
C THR C 72 -1.82 -10.70 22.63
N GLY C 73 -2.95 -10.08 22.28
CA GLY C 73 -3.68 -9.26 23.21
C GLY C 73 -4.30 -10.11 24.30
N THR C 74 -5.23 -10.97 23.91
CA THR C 74 -5.81 -11.93 24.83
C THR C 74 -5.64 -13.33 24.25
N LEU C 75 -5.70 -14.30 25.16
CA LEU C 75 -5.49 -15.70 24.82
C LEU C 75 -6.65 -16.52 25.35
N GLU C 76 -7.14 -17.43 24.52
CA GLU C 76 -8.14 -18.40 24.91
C GLU C 76 -7.66 -19.78 24.47
N VAL C 77 -7.37 -20.65 25.43
CA VAL C 77 -6.99 -22.04 25.18
C VAL C 77 -8.20 -22.89 25.54
N GLN C 78 -8.69 -23.67 24.59
CA GLN C 78 -9.95 -24.38 24.76
C GLN C 78 -9.83 -25.77 25.37
N LYS C 79 -8.74 -26.50 25.06
CA LYS C 79 -8.66 -27.93 25.37
C LYS C 79 -7.29 -28.31 25.94
N GLY C 80 -6.62 -27.40 26.61
CA GLY C 80 -5.47 -27.74 27.42
C GLY C 80 -4.16 -27.40 26.73
N GLY C 81 -3.07 -27.72 27.41
CA GLY C 81 -1.78 -27.43 26.84
C GLY C 81 -0.64 -27.66 27.80
N THR C 82 0.55 -27.34 27.30
CA THR C 82 1.79 -27.47 28.06
C THR C 82 2.60 -26.20 27.92
N MET C 83 3.22 -25.79 29.00
CA MET C 83 4.10 -24.63 28.98
C MET C 83 5.43 -25.05 29.59
N ARG C 84 6.51 -24.83 28.86
CA ARG C 84 7.82 -25.21 29.32
C ARG C 84 8.70 -23.97 29.47
N GLY C 85 9.62 -24.04 30.40
CA GLY C 85 10.48 -22.91 30.71
C GLY C 85 9.86 -22.01 31.76
N ASN C 86 10.46 -20.83 31.92
CA ASN C 86 9.99 -19.87 32.91
C ASN C 86 8.82 -19.09 32.37
N ILE C 87 7.73 -19.06 33.13
CA ILE C 87 6.51 -18.34 32.78
C ILE C 87 6.26 -17.34 33.88
N GLU C 88 6.26 -16.06 33.53
CA GLU C 88 6.11 -14.96 34.48
C GLU C 88 4.77 -14.28 34.25
N HIS C 89 3.91 -14.30 35.25
CA HIS C 89 2.64 -13.60 35.19
C HIS C 89 2.70 -12.37 36.08
N THR C 90 2.18 -11.25 35.57
CA THR C 90 2.10 -10.02 36.34
C THR C 90 0.85 -9.25 35.94
N GLY C 91 0.55 -8.21 36.71
CA GLY C 91 -0.47 -7.26 36.30
C GLY C 91 -1.88 -7.79 36.29
N GLY C 92 -2.22 -8.58 37.30
CA GLY C 92 -3.57 -9.10 37.41
C GLY C 92 -3.56 -10.30 38.33
N GLU C 93 -4.62 -11.10 38.21
CA GLU C 93 -4.79 -12.28 39.04
C GLU C 93 -4.80 -13.53 38.16
N LEU C 94 -4.04 -14.53 38.58
CA LEU C 94 -4.06 -15.85 37.96
C LEU C 94 -4.93 -16.72 38.85
N SER C 95 -6.07 -17.15 38.33
CA SER C 95 -7.03 -17.95 39.08
C SER C 95 -7.22 -19.30 38.41
N SER C 96 -7.24 -20.37 39.20
CA SER C 96 -7.52 -21.71 38.68
C SER C 96 -8.68 -22.29 39.46
N ASN C 97 -9.69 -22.76 38.74
CA ASN C 97 -10.88 -23.34 39.36
C ASN C 97 -11.41 -22.45 40.48
N GLY C 98 -11.35 -21.13 40.27
CA GLY C 98 -11.95 -20.17 41.16
C GLY C 98 -11.01 -19.58 42.20
N LYS C 99 -9.90 -20.24 42.48
CA LYS C 99 -8.95 -19.78 43.49
C LYS C 99 -7.96 -18.82 42.84
N VAL C 100 -7.89 -17.60 43.37
CA VAL C 100 -6.79 -16.70 43.03
C VAL C 100 -5.51 -17.29 43.62
N LEU C 101 -4.51 -17.51 42.78
CA LEU C 101 -3.26 -18.11 43.23
C LEU C 101 -2.23 -17.04 43.56
N SER D 4 -0.03 2.33 20.55
CA SER D 4 -1.06 3.33 20.85
C SER D 4 -2.35 3.05 20.08
N ASP D 5 -3.41 3.82 20.44
CA ASP D 5 -4.70 3.75 19.76
C ASP D 5 -5.37 5.11 19.55
N ALA D 6 -4.69 6.22 19.81
CA ALA D 6 -5.24 7.54 19.52
C ALA D 6 -4.11 8.47 19.09
N LEU D 7 -4.50 9.55 18.42
CA LEU D 7 -3.56 10.55 17.92
C LEU D 7 -4.26 11.90 17.91
N HIS D 8 -3.82 12.78 18.81
CA HIS D 8 -4.39 14.14 18.87
C HIS D 8 -3.31 15.01 19.50
N ILE D 9 -2.52 15.67 18.66
CA ILE D 9 -1.41 16.51 19.10
C ILE D 9 -1.77 17.95 18.79
N ARG D 10 -1.66 18.82 19.79
CA ARG D 10 -1.86 20.24 19.60
C ARG D 10 -0.60 20.94 20.04
N PHE D 11 0.05 21.62 19.12
CA PHE D 11 1.37 22.19 19.37
C PHE D 11 1.24 23.63 19.82
N PRO D 12 2.31 24.18 20.43
CA PRO D 12 2.24 25.54 20.98
C PRO D 12 1.96 26.63 19.94
N ASP D 13 2.20 26.37 18.66
CA ASP D 13 1.91 27.33 17.61
C ASP D 13 0.49 27.20 17.05
N GLY D 14 -0.33 26.33 17.62
CA GLY D 14 -1.68 26.13 17.13
C GLY D 14 -1.81 25.04 16.09
N ALA D 15 -0.72 24.44 15.66
CA ALA D 15 -0.80 23.35 14.71
C ALA D 15 -1.38 22.11 15.38
N VAL D 16 -2.02 21.27 14.57
CA VAL D 16 -2.64 20.05 15.04
C VAL D 16 -2.27 18.91 14.11
N ILE D 17 -1.97 17.76 14.70
CA ILE D 17 -1.89 16.50 14.00
C ILE D 17 -2.83 15.57 14.72
N GLU D 18 -3.85 15.09 14.01
CA GLU D 18 -4.83 14.25 14.67
C GLU D 18 -5.42 13.23 13.72
N TYR D 19 -5.89 12.14 14.31
CA TYR D 19 -6.68 11.16 13.62
C TYR D 19 -8.02 11.02 14.31
N GLU D 20 -9.08 11.09 13.52
CA GLU D 20 -10.45 11.01 14.04
C GLU D 20 -11.07 9.71 13.56
N PRO D 21 -11.14 8.67 14.40
CA PRO D 21 -11.70 7.40 13.92
C PRO D 21 -13.18 7.45 13.59
N GLU D 22 -13.95 8.41 14.11
CA GLU D 22 -15.38 8.43 13.84
C GLU D 22 -15.65 8.63 12.34
N THR D 23 -14.82 9.43 11.68
CA THR D 23 -14.93 9.72 10.26
C THR D 23 -13.72 9.20 9.50
N SER D 24 -12.82 8.49 10.18
CA SER D 24 -11.59 7.96 9.60
C SER D 24 -10.78 9.03 8.87
N ALA D 25 -10.59 10.17 9.55
CA ALA D 25 -9.97 11.34 8.95
C ALA D 25 -8.66 11.69 9.63
N LEU D 26 -7.58 11.69 8.85
CA LEU D 26 -6.27 12.15 9.30
C LEU D 26 -6.09 13.61 8.90
N THR D 27 -5.73 14.45 9.88
CA THR D 27 -5.63 15.88 9.65
C THR D 27 -4.31 16.41 10.19
N VAL D 28 -3.63 17.18 9.36
CA VAL D 28 -2.50 18.01 9.74
C VAL D 28 -2.90 19.44 9.36
N SER D 29 -2.89 20.34 10.32
CA SER D 29 -3.34 21.70 10.05
C SER D 29 -2.52 22.69 10.84
N GLY D 30 -2.54 23.94 10.37
CA GLY D 30 -1.93 25.01 11.12
C GLY D 30 -0.43 25.06 11.08
N ILE D 31 0.20 24.36 10.16
CA ILE D 31 1.63 24.34 10.02
C ILE D 31 2.03 25.37 8.96
N LYS D 32 3.33 25.68 8.90
CA LYS D 32 3.86 26.52 7.83
CA LYS D 32 3.85 26.51 7.82
C LYS D 32 4.45 25.67 6.70
N THR D 33 5.30 24.71 7.03
CA THR D 33 5.91 23.87 6.02
C THR D 33 5.86 22.41 6.43
N ALA D 34 5.81 21.55 5.42
CA ALA D 34 6.08 20.13 5.59
C ALA D 34 7.10 19.72 4.54
N SER D 35 7.97 18.78 4.94
CA SER D 35 8.93 18.21 4.01
CA SER D 35 8.99 18.23 4.05
C SER D 35 9.05 16.73 4.31
N VAL D 36 8.95 15.94 3.25
CA VAL D 36 9.12 14.49 3.35
C VAL D 36 10.24 14.11 2.41
N THR D 37 11.26 13.45 2.96
CA THR D 37 12.41 13.01 2.19
C THR D 37 12.52 11.50 2.34
N ALA D 38 12.51 10.80 1.21
CA ALA D 38 12.54 9.35 1.19
C ALA D 38 13.50 8.93 0.08
N SER D 39 14.16 7.79 0.30
CA SER D 39 15.16 7.34 -0.66
C SER D 39 14.60 6.48 -1.78
N GLY D 40 13.38 5.93 -1.61
CA GLY D 40 12.81 4.99 -2.55
C GLY D 40 11.60 5.55 -3.27
N SER D 41 10.45 5.53 -2.60
CA SER D 41 9.22 5.95 -3.25
C SER D 41 8.18 6.38 -2.24
N VAL D 42 7.25 7.20 -2.73
CA VAL D 42 6.02 7.55 -2.04
CA VAL D 42 6.02 7.52 -2.03
C VAL D 42 4.86 7.13 -2.92
N THR D 43 3.93 6.35 -2.37
CA THR D 43 2.73 5.93 -3.06
C THR D 43 1.51 6.41 -2.29
N ALA D 44 0.55 6.96 -3.02
CA ALA D 44 -0.77 7.27 -2.49
C ALA D 44 -1.81 6.56 -3.34
N THR D 45 -2.69 5.80 -2.69
CA THR D 45 -3.73 5.00 -3.35
C THR D 45 -5.06 5.39 -2.73
N VAL D 46 -5.87 6.13 -3.50
CA VAL D 46 -7.08 6.75 -2.97
C VAL D 46 -7.90 7.21 -4.18
N PRO D 47 -9.24 7.19 -4.14
CA PRO D 47 -9.97 7.56 -5.36
C PRO D 47 -9.70 8.98 -5.83
N VAL D 48 -9.68 9.93 -4.90
CA VAL D 48 -9.64 11.35 -5.21
C VAL D 48 -8.41 11.96 -4.55
N VAL D 49 -7.62 12.67 -5.35
CA VAL D 49 -6.56 13.52 -4.85
C VAL D 49 -6.90 14.95 -5.22
N MET D 50 -6.81 15.85 -4.23
CA MET D 50 -7.10 17.26 -4.43
C MET D 50 -5.89 18.04 -3.92
N VAL D 51 -5.30 18.84 -4.78
CA VAL D 51 -4.21 19.73 -4.41
C VAL D 51 -4.70 21.15 -4.66
N LYS D 52 -4.89 21.91 -3.59
CA LYS D 52 -5.43 23.27 -3.67
C LYS D 52 -4.25 24.17 -3.32
N ALA D 53 -3.62 24.75 -4.34
CA ALA D 53 -2.36 25.47 -4.18
C ALA D 53 -2.50 26.86 -4.80
N SER D 54 -2.66 27.87 -3.94
CA SER D 54 -2.97 29.20 -4.44
C SER D 54 -1.82 29.86 -5.18
N THR D 55 -0.58 29.35 -5.07
CA THR D 55 0.53 29.89 -5.87
C THR D 55 0.85 28.96 -7.04
N ARG D 56 1.32 27.74 -6.77
CA ARG D 56 1.85 26.92 -7.84
C ARG D 56 2.15 25.51 -7.35
N VAL D 57 1.94 24.54 -8.24
CA VAL D 57 2.39 23.17 -8.05
C VAL D 57 3.54 22.93 -9.02
N THR D 58 4.71 22.56 -8.51
CA THR D 58 5.86 22.25 -9.34
C THR D 58 6.18 20.76 -9.21
N LEU D 59 6.26 20.09 -10.36
CA LEU D 59 6.66 18.70 -10.48
C LEU D 59 8.03 18.73 -11.14
N ASP D 60 9.06 18.69 -10.29
CA ASP D 60 10.45 18.81 -10.75
C ASP D 60 11.00 17.41 -10.89
N THR D 61 10.92 16.88 -12.10
CA THR D 61 11.19 15.47 -12.34
C THR D 61 11.53 15.31 -13.82
N PRO D 62 12.30 14.28 -14.19
CA PRO D 62 12.52 14.07 -15.62
C PRO D 62 11.25 13.83 -16.39
N GLU D 63 10.26 13.19 -15.76
CA GLU D 63 9.05 12.80 -16.45
CA GLU D 63 9.05 12.81 -16.46
C GLU D 63 7.87 12.79 -15.50
N VAL D 64 6.78 13.46 -15.92
CA VAL D 64 5.47 13.32 -15.32
C VAL D 64 4.65 12.49 -16.29
N VAL D 65 4.07 11.41 -15.81
CA VAL D 65 3.24 10.52 -16.63
C VAL D 65 1.81 10.58 -16.13
N CYS D 66 0.90 10.97 -17.01
CA CYS D 66 -0.54 10.85 -16.77
C CYS D 66 -1.02 9.65 -17.58
N THR D 67 -1.59 8.65 -16.92
CA THR D 67 -1.82 7.40 -17.62
C THR D 67 -3.03 7.41 -18.54
N ASN D 68 -3.94 8.38 -18.39
CA ASN D 68 -5.13 8.46 -19.23
C ASN D 68 -5.31 9.88 -19.71
N ARG D 69 -6.32 10.59 -19.21
CA ARG D 69 -6.62 11.92 -19.68
C ARG D 69 -5.93 12.99 -18.84
N LEU D 70 -5.51 14.05 -19.52
CA LEU D 70 -5.04 15.28 -18.90
C LEU D 70 -5.88 16.42 -19.46
N ILE D 71 -6.45 17.21 -18.55
CA ILE D 71 -7.27 18.37 -18.89
C ILE D 71 -6.63 19.59 -18.27
N THR D 72 -6.51 20.66 -19.05
CA THR D 72 -5.98 21.91 -18.52
C THR D 72 -6.74 23.08 -19.11
N GLY D 73 -6.70 24.21 -18.40
CA GLY D 73 -7.27 25.45 -18.91
C GLY D 73 -6.43 25.99 -20.07
N THR D 74 -5.18 26.33 -19.78
CA THR D 74 -4.24 26.72 -20.81
C THR D 74 -2.99 25.86 -20.72
N LEU D 75 -2.26 25.84 -21.84
CA LEU D 75 -1.07 25.02 -21.98
C LEU D 75 0.08 25.86 -22.49
N GLU D 76 1.26 25.62 -21.92
CA GLU D 76 2.51 26.21 -22.41
C GLU D 76 3.52 25.08 -22.53
N VAL D 77 3.99 24.83 -23.74
CA VAL D 77 5.06 23.87 -24.01
C VAL D 77 6.29 24.68 -24.39
N GLN D 78 7.39 24.46 -23.69
CA GLN D 78 8.56 25.33 -23.83
C GLN D 78 9.57 24.87 -24.86
N LYS D 79 9.73 23.55 -25.06
CA LYS D 79 10.86 23.00 -25.81
C LYS D 79 10.44 21.86 -26.72
N GLY D 80 9.20 21.87 -27.18
CA GLY D 80 8.77 20.99 -28.24
C GLY D 80 8.05 19.77 -27.72
N GLY D 81 7.71 18.90 -28.66
CA GLY D 81 7.03 17.69 -28.28
C GLY D 81 6.46 16.95 -29.47
N THR D 82 5.73 15.90 -29.13
CA THR D 82 5.14 14.99 -30.11
C THR D 82 3.70 14.71 -29.71
N MET D 83 2.82 14.74 -30.69
CA MET D 83 1.43 14.37 -30.49
C MET D 83 1.08 13.26 -31.45
N ARG D 84 0.57 12.16 -30.91
CA ARG D 84 0.15 11.02 -31.70
C ARG D 84 -1.35 10.83 -31.56
N GLY D 85 -1.96 10.34 -32.63
CA GLY D 85 -3.39 10.16 -32.66
C GLY D 85 -4.07 11.33 -33.33
N ASN D 86 -5.40 11.31 -33.26
CA ASN D 86 -6.20 12.39 -33.82
C ASN D 86 -6.21 13.57 -32.87
N ILE D 87 -5.97 14.75 -33.41
CA ILE D 87 -6.01 16.01 -32.67
C ILE D 87 -7.08 16.88 -33.31
N GLU D 88 -8.05 17.31 -32.50
CA GLU D 88 -9.13 18.18 -32.94
C GLU D 88 -8.90 19.56 -32.34
N HIS D 89 -8.84 20.58 -33.18
CA HIS D 89 -8.76 21.96 -32.73
C HIS D 89 -10.06 22.67 -33.10
N THR D 90 -10.63 23.40 -32.14
CA THR D 90 -11.84 24.16 -32.41
C THR D 90 -11.81 25.46 -31.62
N GLY D 91 -12.67 26.38 -32.03
CA GLY D 91 -12.94 27.57 -31.25
C GLY D 91 -11.77 28.51 -31.12
N GLY D 92 -11.05 28.76 -32.19
CA GLY D 92 -9.99 29.73 -32.16
C GLY D 92 -9.10 29.55 -33.37
N GLU D 93 -7.95 30.21 -33.31
CA GLU D 93 -7.01 30.24 -34.41
C GLU D 93 -5.77 29.43 -34.06
N LEU D 94 -5.30 28.66 -35.03
CA LEU D 94 -4.04 27.95 -34.91
C LEU D 94 -3.03 28.72 -35.74
N SER D 95 -1.92 29.12 -35.12
CA SER D 95 -0.89 29.87 -35.81
C SER D 95 0.47 29.23 -35.59
N SER D 96 1.37 29.46 -36.54
CA SER D 96 2.75 28.99 -36.41
C SER D 96 3.67 30.09 -36.89
N ASN D 97 4.58 30.51 -36.00
CA ASN D 97 5.55 31.56 -36.30
C ASN D 97 4.85 32.82 -36.80
N GLY D 98 3.72 33.16 -36.16
CA GLY D 98 3.00 34.38 -36.44
C GLY D 98 2.03 34.32 -37.60
N LYS D 99 1.93 33.17 -38.27
CA LYS D 99 1.08 33.01 -39.44
C LYS D 99 -0.13 32.17 -39.04
N VAL D 100 -1.33 32.70 -39.27
CA VAL D 100 -2.52 31.92 -39.00
C VAL D 100 -2.64 30.83 -40.04
N LEU D 101 -2.75 29.59 -39.58
CA LEU D 101 -2.90 28.44 -40.46
C LEU D 101 -4.37 28.10 -40.67
N HIS D 102 -5.18 28.19 -39.61
CA HIS D 102 -6.60 27.89 -39.71
C HIS D 102 -7.35 28.58 -38.58
N THR D 103 -8.57 29.02 -38.89
CA THR D 103 -9.47 29.61 -37.92
C THR D 103 -10.67 28.68 -37.80
N ALA D 104 -10.85 28.06 -36.64
CA ALA D 104 -11.96 27.16 -36.39
C ALA D 104 -13.03 27.85 -35.56
N LYS D 105 -14.29 27.60 -35.90
CA LYS D 105 -15.42 28.13 -35.15
C LYS D 105 -15.79 27.16 -34.02
N ALA D 106 -16.84 27.50 -33.28
CA ALA D 106 -17.41 26.69 -32.20
C ALA D 106 -16.66 25.42 -31.83
N SER E 4 -0.93 15.22 23.67
CA SER E 4 0.47 15.52 23.39
C SER E 4 0.60 16.95 22.87
N ASP E 5 1.85 17.48 22.95
CA ASP E 5 2.17 18.80 22.42
C ASP E 5 3.60 18.89 21.86
N ALA E 6 4.30 17.77 21.70
CA ALA E 6 5.61 17.76 21.04
C ALA E 6 5.75 16.50 20.21
N LEU E 7 6.67 16.55 19.25
CA LEU E 7 6.87 15.45 18.31
C LEU E 7 8.34 15.39 17.88
N HIS E 8 9.07 14.38 18.36
CA HIS E 8 10.42 14.10 17.88
C HIS E 8 10.55 12.59 18.00
N ILE E 9 10.27 11.87 16.92
CA ILE E 9 10.46 10.44 16.90
C ILE E 9 11.73 10.14 16.12
N ARG E 10 12.66 9.43 16.76
CA ARG E 10 13.94 9.08 16.16
C ARG E 10 14.04 7.56 16.12
N PHE E 11 13.94 7.01 14.94
CA PHE E 11 13.86 5.57 14.76
C PHE E 11 15.25 4.96 14.61
N PRO E 12 15.37 3.66 14.86
CA PRO E 12 16.71 3.04 14.88
C PRO E 12 17.37 2.93 13.52
N ASP E 13 16.66 3.14 12.43
CA ASP E 13 17.27 3.15 11.10
C ASP E 13 17.73 4.55 10.69
N GLY E 14 17.61 5.54 11.57
CA GLY E 14 17.97 6.90 11.24
C GLY E 14 16.82 7.77 10.78
N ALA E 15 15.63 7.21 10.58
CA ALA E 15 14.48 8.01 10.20
C ALA E 15 14.05 8.89 11.37
N VAL E 16 13.47 10.05 11.03
CA VAL E 16 12.98 10.98 12.02
C VAL E 16 11.64 11.55 11.55
N ILE E 17 10.71 11.68 12.49
CA ILE E 17 9.48 12.43 12.29
C ILE E 17 9.48 13.49 13.38
N GLU E 18 9.40 14.76 13.00
CA GLU E 18 9.54 15.83 13.98
CA GLU E 18 9.48 15.80 14.01
C GLU E 18 8.70 17.04 13.60
N TYR E 19 8.27 17.77 14.61
CA TYR E 19 7.63 19.05 14.41
C TYR E 19 8.34 20.09 15.26
N GLU E 20 8.61 21.23 14.68
CA GLU E 20 9.27 22.34 15.37
CA GLU E 20 9.26 22.33 15.38
C GLU E 20 8.29 23.51 15.38
N PRO E 21 7.68 23.84 16.51
CA PRO E 21 6.63 24.86 16.51
C PRO E 21 7.12 26.28 16.30
N GLU E 22 8.39 26.59 16.59
CA GLU E 22 8.83 27.98 16.44
C GLU E 22 8.92 28.38 14.97
N THR E 23 9.29 27.44 14.09
CA THR E 23 9.28 27.67 12.65
C THR E 23 8.06 27.01 12.00
N SER E 24 7.25 26.30 12.78
CA SER E 24 6.06 25.59 12.30
C SER E 24 6.38 24.66 11.14
N ALA E 25 7.44 23.86 11.33
CA ALA E 25 7.98 22.99 10.30
C ALA E 25 7.81 21.53 10.71
N LEU E 26 7.14 20.76 9.85
CA LEU E 26 6.97 19.32 10.00
C LEU E 26 7.95 18.65 9.06
N THR E 27 8.73 17.71 9.58
CA THR E 27 9.78 17.03 8.81
CA THR E 27 9.73 17.02 8.77
C THR E 27 9.64 15.52 8.98
N VAL E 28 9.65 14.81 7.86
CA VAL E 28 9.76 13.37 7.82
C VAL E 28 11.00 13.10 6.97
N SER E 29 11.96 12.37 7.53
CA SER E 29 13.22 12.16 6.83
C SER E 29 13.76 10.76 7.11
N GLY E 30 14.68 10.31 6.25
CA GLY E 30 15.44 9.10 6.49
C GLY E 30 14.69 7.82 6.26
N ILE E 31 13.54 7.87 5.59
CA ILE E 31 12.75 6.69 5.28
C ILE E 31 13.10 6.22 3.87
N LYS E 32 12.74 4.98 3.57
CA LYS E 32 12.86 4.45 2.22
CA LYS E 32 12.86 4.47 2.22
C LYS E 32 11.55 4.61 1.45
N THR E 33 10.44 4.20 2.05
CA THR E 33 9.15 4.28 1.39
C THR E 33 8.10 4.85 2.32
N ALA E 34 7.12 5.50 1.71
CA ALA E 34 5.86 5.83 2.35
C ALA E 34 4.73 5.33 1.46
N SER E 35 3.67 4.85 2.12
CA SER E 35 2.47 4.31 1.48
C SER E 35 1.27 4.85 2.23
N VAL E 36 0.38 5.54 1.53
CA VAL E 36 -0.86 6.04 2.11
C VAL E 36 -2.00 5.45 1.32
N THR E 37 -2.89 4.72 2.00
CA THR E 37 -4.05 4.08 1.40
C THR E 37 -5.30 4.60 2.09
N ALA E 38 -6.18 5.23 1.30
CA ALA E 38 -7.38 5.86 1.79
C ALA E 38 -8.53 5.51 0.86
N SER E 39 -9.74 5.43 1.43
CA SER E 39 -10.88 5.02 0.64
C SER E 39 -11.65 6.19 0.03
N GLY E 40 -11.37 7.43 0.45
CA GLY E 40 -12.13 8.60 0.04
C GLY E 40 -11.26 9.61 -0.70
N SER E 41 -10.46 10.39 0.02
CA SER E 41 -9.69 11.45 -0.60
C SER E 41 -8.45 11.79 0.20
N VAL E 42 -7.45 12.31 -0.52
CA VAL E 42 -6.26 12.93 0.06
C VAL E 42 -6.19 14.35 -0.48
N THR E 43 -6.08 15.32 0.42
CA THR E 43 -6.09 16.74 0.08
C THR E 43 -4.88 17.43 0.68
N ALA E 44 -4.26 18.31 -0.11
CA ALA E 44 -3.24 19.21 0.38
C ALA E 44 -3.66 20.62 0.01
N THR E 45 -3.66 21.51 1.00
CA THR E 45 -4.07 22.90 0.82
C THR E 45 -2.95 23.78 1.35
N VAL E 46 -2.22 24.41 0.44
CA VAL E 46 -0.97 25.11 0.78
C VAL E 46 -0.58 25.91 -0.45
N PRO E 47 0.01 27.10 -0.32
CA PRO E 47 0.22 27.90 -1.55
C PRO E 47 1.16 27.24 -2.54
N VAL E 48 2.22 26.61 -2.06
CA VAL E 48 3.26 26.02 -2.90
C VAL E 48 3.35 24.53 -2.61
N VAL E 49 3.26 23.73 -3.66
CA VAL E 49 3.55 22.31 -3.59
C VAL E 49 4.75 22.05 -4.48
N MET E 50 5.76 21.37 -3.93
CA MET E 50 7.00 21.10 -4.63
C MET E 50 7.27 19.61 -4.55
N VAL E 51 7.39 18.97 -5.71
CA VAL E 51 7.76 17.57 -5.78
C VAL E 51 9.09 17.49 -6.51
N LYS E 52 10.10 16.96 -5.84
CA LYS E 52 11.44 16.78 -6.38
C LYS E 52 11.63 15.27 -6.52
N ALA E 53 11.42 14.74 -7.73
CA ALA E 53 11.41 13.30 -7.98
C ALA E 53 12.41 12.99 -9.09
N SER E 54 13.59 12.51 -8.69
CA SER E 54 14.70 12.35 -9.63
C SER E 54 14.45 11.26 -10.67
N THR E 55 13.49 10.35 -10.44
CA THR E 55 13.11 9.37 -11.46
C THR E 55 11.85 9.80 -12.21
N ARG E 56 10.71 9.87 -11.53
CA ARG E 56 9.45 10.06 -12.24
C ARG E 56 8.31 10.28 -11.26
N VAL E 57 7.35 11.10 -11.69
CA VAL E 57 6.05 11.25 -11.03
C VAL E 57 5.02 10.60 -11.95
N THR E 58 4.31 9.60 -11.43
CA THR E 58 3.24 8.92 -12.16
C THR E 58 1.91 9.26 -11.52
N LEU E 59 1.00 9.82 -12.32
CA LEU E 59 -0.38 10.12 -11.93
C LEU E 59 -1.23 9.09 -12.67
N ASP E 60 -1.48 7.97 -12.01
CA ASP E 60 -2.21 6.86 -12.61
C ASP E 60 -3.67 7.00 -12.21
N THR E 61 -4.44 7.63 -13.10
CA THR E 61 -5.79 8.08 -12.78
C THR E 61 -6.54 8.25 -14.09
N PRO E 62 -7.88 8.13 -14.08
CA PRO E 62 -8.61 8.42 -15.31
C PRO E 62 -8.42 9.83 -15.81
N GLU E 63 -8.21 10.77 -14.90
CA GLU E 63 -8.19 12.18 -15.27
CA GLU E 63 -8.20 12.18 -15.27
C GLU E 63 -7.30 12.96 -14.32
N VAL E 64 -6.35 13.69 -14.90
CA VAL E 64 -5.62 14.74 -14.20
C VAL E 64 -6.20 16.06 -14.68
N VAL E 65 -6.65 16.89 -13.75
CA VAL E 65 -7.22 18.19 -14.07
C VAL E 65 -6.33 19.27 -13.50
N CYS E 66 -5.82 20.13 -14.38
CA CYS E 66 -5.18 21.38 -14.00
C CYS E 66 -6.18 22.50 -14.23
N THR E 67 -6.54 23.21 -13.16
CA THR E 67 -7.68 24.11 -13.27
C THR E 67 -7.36 25.39 -14.03
N ASN E 68 -6.09 25.73 -14.22
CA ASN E 68 -5.71 26.96 -14.93
C ASN E 68 -4.60 26.63 -15.92
N ARG E 69 -3.38 27.08 -15.67
CA ARG E 69 -2.29 26.91 -16.61
CA ARG E 69 -2.28 26.91 -16.60
C ARG E 69 -1.46 25.67 -16.28
N LEU E 70 -1.00 25.01 -17.34
CA LEU E 70 -0.04 23.91 -17.27
C LEU E 70 1.14 24.28 -18.15
N ILE E 71 2.34 24.25 -17.56
CA ILE E 71 3.58 24.55 -18.26
C ILE E 71 4.43 23.29 -18.22
N THR E 72 5.01 22.91 -19.36
CA THR E 72 5.93 21.78 -19.42
C THR E 72 7.09 22.10 -20.34
N GLY E 73 8.22 21.42 -20.10
CA GLY E 73 9.36 21.50 -20.97
C GLY E 73 9.05 20.88 -22.33
N THR E 74 8.80 19.58 -22.32
CA THR E 74 8.36 18.89 -23.52
C THR E 74 7.07 18.14 -23.22
N LEU E 75 6.33 17.85 -24.29
CA LEU E 75 5.05 17.21 -24.20
C LEU E 75 5.00 16.01 -25.15
N GLU E 76 4.45 14.91 -24.66
CA GLU E 76 4.13 13.75 -25.49
C GLU E 76 2.68 13.36 -25.22
N VAL E 77 1.87 13.40 -26.28
CA VAL E 77 0.48 12.94 -26.23
C VAL E 77 0.42 11.64 -27.01
N GLN E 78 -0.07 10.58 -26.38
CA GLN E 78 0.02 9.25 -26.98
C GLN E 78 -1.18 8.86 -27.82
N LYS E 79 -2.40 9.32 -27.49
CA LYS E 79 -3.62 8.78 -28.07
C LYS E 79 -4.61 9.88 -28.43
N GLY E 80 -4.11 11.07 -28.75
CA GLY E 80 -4.93 12.11 -29.32
C GLY E 80 -5.44 13.10 -28.29
N GLY E 81 -6.27 14.01 -28.77
CA GLY E 81 -6.81 15.01 -27.87
C GLY E 81 -7.54 16.10 -28.60
N THR E 82 -7.95 17.09 -27.80
CA THR E 82 -8.72 18.21 -28.29
C THR E 82 -8.14 19.48 -27.71
N MET E 83 -8.08 20.50 -28.54
CA MET E 83 -7.54 21.79 -28.16
C MET E 83 -8.56 22.82 -28.55
N ARG E 84 -9.00 23.62 -27.60
CA ARG E 84 -9.94 24.69 -27.86
CA ARG E 84 -9.94 24.69 -27.85
C ARG E 84 -9.27 26.03 -27.53
N GLY E 85 -9.65 27.05 -28.28
CA GLY E 85 -9.06 28.35 -28.12
C GLY E 85 -7.93 28.58 -29.10
N ASN E 86 -7.27 29.74 -28.93
CA ASN E 86 -6.14 30.08 -29.77
C ASN E 86 -4.91 29.29 -29.35
N ILE E 87 -4.29 28.65 -30.33
CA ILE E 87 -3.06 27.89 -30.12
C ILE E 87 -1.97 28.56 -30.95
N GLU E 88 -0.96 29.09 -30.26
CA GLU E 88 0.12 29.85 -30.89
CA GLU E 88 0.12 29.84 -30.90
C GLU E 88 1.41 29.02 -30.82
N HIS E 89 1.88 28.58 -31.97
CA HIS E 89 3.15 27.88 -32.05
C HIS E 89 4.21 28.85 -32.54
N THR E 90 5.40 28.80 -31.94
CA THR E 90 6.53 29.61 -32.37
C THR E 90 7.84 28.86 -32.11
N GLY E 91 8.91 29.34 -32.72
CA GLY E 91 10.23 28.88 -32.33
C GLY E 91 10.59 27.50 -32.81
N GLY E 92 10.13 27.12 -34.00
CA GLY E 92 10.45 25.82 -34.56
C GLY E 92 9.49 25.52 -35.69
N GLU E 93 9.34 24.23 -35.97
CA GLU E 93 8.46 23.76 -37.03
C GLU E 93 7.31 22.95 -36.42
N LEU E 94 6.11 23.25 -36.90
CA LEU E 94 4.91 22.48 -36.58
C LEU E 94 4.68 21.56 -37.78
N SER E 95 4.80 20.26 -37.56
CA SER E 95 4.67 19.27 -38.62
C SER E 95 3.56 18.30 -38.29
N SER E 96 2.87 17.83 -39.33
CA SER E 96 1.88 16.77 -39.17
C SER E 96 2.18 15.69 -40.20
N ASN E 97 2.47 14.48 -39.72
CA ASN E 97 2.77 13.35 -40.59
C ASN E 97 3.93 13.68 -41.53
N GLY E 98 5.01 14.22 -40.95
CA GLY E 98 6.25 14.45 -41.67
C GLY E 98 6.31 15.70 -42.51
N LYS E 99 5.28 16.54 -42.50
CA LYS E 99 5.23 17.72 -43.35
C LYS E 99 4.96 18.96 -42.52
N VAL E 100 5.74 20.01 -42.75
CA VAL E 100 5.52 21.28 -42.06
C VAL E 100 4.23 21.91 -42.54
N LEU E 101 3.51 22.57 -41.63
CA LEU E 101 2.22 23.16 -41.94
C LEU E 101 2.36 24.62 -42.39
N SER F 2 20.57 4.58 15.67
CA SER F 2 20.24 5.95 15.34
C SER F 2 19.01 6.49 16.10
N GLY F 3 18.55 5.77 17.12
CA GLY F 3 17.31 6.11 17.80
C GLY F 3 16.58 4.85 18.23
N SER F 4 15.75 4.98 19.27
CA SER F 4 15.02 3.86 19.85
C SER F 4 13.51 4.07 19.83
N ASP F 5 13.04 5.16 19.24
CA ASP F 5 11.63 5.43 19.20
C ASP F 5 10.91 4.52 18.23
N ALA F 6 9.58 4.60 18.31
CA ALA F 6 8.72 3.71 17.57
C ALA F 6 7.40 4.40 17.28
N LEU F 7 6.72 3.84 16.28
CA LEU F 7 5.44 4.37 15.82
C LEU F 7 4.61 3.20 15.35
N HIS F 8 3.55 2.92 16.10
CA HIS F 8 2.59 1.94 15.67
C HIS F 8 1.28 2.25 16.38
N ILE F 9 0.37 2.87 15.66
CA ILE F 9 -0.91 3.26 16.22
C ILE F 9 -1.99 2.49 15.48
N ARG F 10 -2.83 1.80 16.24
CA ARG F 10 -3.96 1.06 15.70
C ARG F 10 -5.23 1.69 16.27
N PHE F 11 -6.03 2.24 15.41
CA PHE F 11 -7.19 3.01 15.79
C PHE F 11 -8.44 2.14 15.78
N PRO F 12 -9.49 2.56 16.49
CA PRO F 12 -10.66 1.68 16.66
C PRO F 12 -11.49 1.51 15.39
N ASP F 13 -11.26 2.31 14.35
CA ASP F 13 -11.91 2.12 13.07
C ASP F 13 -11.14 1.17 12.16
N GLY F 14 -10.05 0.58 12.64
CA GLY F 14 -9.24 -0.29 11.83
C GLY F 14 -8.06 0.38 11.16
N ALA F 15 -7.97 1.70 11.21
CA ALA F 15 -6.85 2.39 10.58
C ALA F 15 -5.56 2.12 11.35
N VAL F 16 -4.44 2.22 10.64
CA VAL F 16 -3.12 2.00 11.21
C VAL F 16 -2.17 3.06 10.67
N ILE F 17 -1.35 3.59 11.56
CA ILE F 17 -0.19 4.42 11.19
C ILE F 17 1.02 3.73 11.80
N GLU F 18 1.98 3.37 10.96
CA GLU F 18 3.09 2.58 11.47
C GLU F 18 4.37 2.92 10.72
N TYR F 19 5.48 2.80 11.42
CA TYR F 19 6.79 2.83 10.79
C TYR F 19 7.53 1.55 11.15
N GLU F 20 8.11 0.92 10.14
CA GLU F 20 8.86 -0.32 10.30
CA GLU F 20 8.86 -0.31 10.32
C GLU F 20 10.32 -0.04 9.97
N PRO F 21 11.21 0.06 10.98
CA PRO F 21 12.58 0.47 10.68
C PRO F 21 13.40 -0.56 9.95
N GLU F 22 13.04 -1.85 9.99
CA GLU F 22 13.86 -2.84 9.32
C GLU F 22 13.76 -2.73 7.80
N THR F 23 12.59 -2.31 7.30
CA THR F 23 12.39 -2.06 5.88
C THR F 23 12.32 -0.56 5.59
N SER F 24 12.40 0.27 6.62
CA SER F 24 12.31 1.72 6.51
C SER F 24 11.04 2.15 5.77
N ALA F 25 9.91 1.55 6.15
CA ALA F 25 8.64 1.75 5.50
C ALA F 25 7.66 2.44 6.44
N LEU F 26 7.12 3.57 5.98
CA LEU F 26 6.05 4.28 6.65
C LEU F 26 4.74 3.92 5.97
N THR F 27 3.76 3.49 6.75
CA THR F 27 2.46 3.05 6.24
CA THR F 27 2.47 3.08 6.22
C THR F 27 1.34 3.78 6.96
N VAL F 28 0.39 4.30 6.17
CA VAL F 28 -0.88 4.80 6.66
C VAL F 28 -1.94 4.02 5.88
N SER F 29 -2.82 3.32 6.60
CA SER F 29 -3.78 2.43 5.98
C SER F 29 -5.13 2.53 6.69
N GLY F 30 -6.18 2.16 5.95
CA GLY F 30 -7.48 1.99 6.57
C GLY F 30 -8.21 3.28 6.86
N ILE F 31 -7.77 4.39 6.31
CA ILE F 31 -8.40 5.68 6.53
C ILE F 31 -9.37 5.98 5.39
N LYS F 32 -10.26 6.95 5.63
CA LYS F 32 -11.11 7.49 4.57
C LYS F 32 -10.54 8.73 3.93
N THR F 33 -10.11 9.68 4.75
CA THR F 33 -9.56 10.92 4.23
C THR F 33 -8.28 11.28 4.95
N ALA F 34 -7.42 11.98 4.22
CA ALA F 34 -6.29 12.67 4.80
C ALA F 34 -6.28 14.09 4.24
N SER F 35 -5.85 15.02 5.08
CA SER F 35 -5.65 16.37 4.61
CA SER F 35 -5.77 16.44 4.73
C SER F 35 -4.50 17.01 5.35
N VAL F 36 -3.75 17.79 4.58
CA VAL F 36 -2.66 18.58 5.13
CA VAL F 36 -2.64 18.58 5.10
C VAL F 36 -2.88 20.01 4.68
N THR F 37 -2.93 20.91 5.65
CA THR F 37 -3.10 22.34 5.43
C THR F 37 -1.90 23.06 6.01
N ALA F 38 -1.22 23.83 5.17
CA ALA F 38 0.00 24.54 5.53
C ALA F 38 -0.07 25.92 4.90
N SER F 39 0.59 26.89 5.56
CA SER F 39 0.53 28.26 5.09
C SER F 39 1.65 28.62 4.12
N GLY F 40 2.70 27.81 4.05
CA GLY F 40 3.89 28.09 3.27
C GLY F 40 4.06 27.14 2.11
N SER F 41 4.55 25.93 2.39
CA SER F 41 4.82 24.99 1.31
C SER F 41 4.86 23.57 1.85
N VAL F 42 4.64 22.62 0.93
CA VAL F 42 4.88 21.21 1.16
CA VAL F 42 4.92 21.23 1.19
C VAL F 42 5.85 20.74 0.09
N THR F 43 6.88 20.01 0.51
CA THR F 43 7.86 19.42 -0.40
C THR F 43 7.93 17.92 -0.15
N ALA F 44 7.96 17.17 -1.25
CA ALA F 44 8.31 15.76 -1.22
C ALA F 44 9.53 15.56 -2.10
N THR F 45 10.59 14.98 -1.53
CA THR F 45 11.85 14.71 -2.23
C THR F 45 12.12 13.21 -2.16
N VAL F 46 11.93 12.54 -3.29
CA VAL F 46 11.96 11.09 -3.34
C VAL F 46 12.05 10.70 -4.80
N PRO F 47 12.82 9.67 -5.19
CA PRO F 47 12.99 9.45 -6.63
C PRO F 47 11.69 9.18 -7.37
N VAL F 48 10.79 8.38 -6.79
CA VAL F 48 9.55 7.95 -7.43
C VAL F 48 8.37 8.42 -6.61
N VAL F 49 7.44 9.10 -7.26
CA VAL F 49 6.13 9.41 -6.69
C VAL F 49 5.10 8.67 -7.54
N MET F 50 4.26 7.85 -6.89
CA MET F 50 3.26 7.04 -7.57
C MET F 50 1.90 7.39 -6.96
N VAL F 51 1.01 7.94 -7.75
CA VAL F 51 -0.35 8.26 -7.33
C VAL F 51 -1.29 7.35 -8.10
N LYS F 52 -2.02 6.50 -7.38
CA LYS F 52 -3.02 5.61 -7.96
C LYS F 52 -4.37 6.14 -7.49
N ALA F 53 -5.03 6.92 -8.33
CA ALA F 53 -6.27 7.60 -7.99
C ALA F 53 -7.37 7.17 -8.95
N SER F 54 -8.23 6.27 -8.49
CA SER F 54 -9.17 5.63 -9.38
C SER F 54 -10.26 6.56 -9.90
N THR F 55 -10.45 7.75 -9.30
CA THR F 55 -11.37 8.74 -9.82
C THR F 55 -10.64 9.90 -10.49
N ARG F 56 -9.79 10.63 -9.77
CA ARG F 56 -9.25 11.87 -10.33
C ARG F 56 -8.12 12.41 -9.47
N VAL F 57 -7.19 13.11 -10.14
CA VAL F 57 -6.22 13.99 -9.49
C VAL F 57 -6.52 15.40 -9.98
N THR F 58 -6.86 16.30 -9.06
CA THR F 58 -7.08 17.69 -9.38
C THR F 58 -5.95 18.54 -8.81
N LEU F 59 -5.35 19.34 -9.67
CA LEU F 59 -4.31 20.31 -9.32
C LEU F 59 -4.99 21.66 -9.51
N ASP F 60 -5.56 22.17 -8.42
CA ASP F 60 -6.36 23.39 -8.44
C ASP F 60 -5.44 24.53 -8.03
N THR F 61 -4.85 25.16 -9.03
CA THR F 61 -3.73 26.08 -8.82
C THR F 61 -3.64 26.99 -10.02
N PRO F 62 -3.09 28.20 -9.86
CA PRO F 62 -2.89 29.03 -11.05
C PRO F 62 -1.98 28.39 -12.08
N GLU F 63 -1.00 27.61 -11.63
CA GLU F 63 0.01 27.07 -12.52
CA GLU F 63 0.00 27.06 -12.52
C GLU F 63 0.52 25.73 -12.00
N VAL F 64 0.54 24.75 -12.89
CA VAL F 64 1.26 23.50 -12.71
C VAL F 64 2.47 23.57 -13.62
N VAL F 65 3.66 23.33 -13.06
CA VAL F 65 4.91 23.36 -13.81
C VAL F 65 5.52 21.96 -13.79
N CYS F 66 5.71 21.38 -14.97
CA CYS F 66 6.50 20.16 -15.11
C CYS F 66 7.84 20.60 -15.69
N THR F 67 8.93 20.30 -14.99
CA THR F 67 10.19 20.94 -15.33
C THR F 67 10.87 20.31 -16.55
N ASN F 68 10.47 19.10 -16.95
CA ASN F 68 11.06 18.44 -18.11
C ASN F 68 9.94 17.88 -18.98
N ARG F 69 9.79 16.57 -19.03
CA ARG F 69 8.82 15.96 -19.93
CA ARG F 69 8.83 15.93 -19.93
C ARG F 69 7.51 15.67 -19.22
N LEU F 70 6.43 15.81 -19.99
CA LEU F 70 5.09 15.44 -19.59
C LEU F 70 4.56 14.51 -20.66
N ILE F 71 4.11 13.33 -20.22
CA ILE F 71 3.50 12.33 -21.09
C ILE F 71 2.07 12.11 -20.64
N THR F 72 1.15 12.07 -21.59
CA THR F 72 -0.24 11.78 -21.29
C THR F 72 -0.85 10.88 -22.36
N GLY F 73 -1.89 10.16 -21.97
CA GLY F 73 -2.66 9.38 -22.92
C GLY F 73 -3.41 10.28 -23.88
N THR F 74 -4.33 11.08 -23.35
CA THR F 74 -5.04 12.08 -24.13
C THR F 74 -4.91 13.43 -23.47
N LEU F 75 -5.13 14.47 -24.27
CA LEU F 75 -4.98 15.85 -23.83
C LEU F 75 -6.22 16.63 -24.21
N GLU F 76 -6.70 17.45 -23.27
CA GLU F 76 -7.76 18.42 -23.54
C GLU F 76 -7.28 19.77 -23.02
N VAL F 77 -7.19 20.74 -23.93
CA VAL F 77 -6.86 22.12 -23.60
C VAL F 77 -8.13 22.93 -23.82
N GLN F 78 -8.57 23.62 -22.76
CA GLN F 78 -9.88 24.27 -22.79
C GLN F 78 -9.87 25.70 -23.31
N LYS F 79 -8.79 26.47 -23.07
CA LYS F 79 -8.78 27.90 -23.28
C LYS F 79 -7.49 28.37 -23.97
N GLY F 80 -6.89 27.53 -24.79
CA GLY F 80 -5.79 27.94 -25.63
C GLY F 80 -4.43 27.69 -25.01
N GLY F 81 -3.42 28.13 -25.74
CA GLY F 81 -2.08 27.97 -25.23
C GLY F 81 -1.02 28.34 -26.26
N THR F 82 0.21 28.07 -25.86
CA THR F 82 1.39 28.36 -26.64
C THR F 82 2.31 27.15 -26.64
N MET F 83 2.86 26.86 -27.81
CA MET F 83 3.79 25.76 -27.97
C MET F 83 5.02 26.32 -28.65
N ARG F 84 6.18 26.13 -28.04
CA ARG F 84 7.45 26.59 -28.59
C ARG F 84 8.32 25.38 -28.90
N GLY F 85 9.15 25.52 -29.93
CA GLY F 85 9.99 24.43 -30.37
C GLY F 85 9.32 23.61 -31.46
N ASN F 86 9.97 22.50 -31.81
CA ASN F 86 9.43 21.62 -32.84
C ASN F 86 8.31 20.77 -32.26
N ILE F 87 7.17 20.75 -32.94
CA ILE F 87 6.01 19.97 -32.54
C ILE F 87 5.70 19.04 -33.70
N GLU F 88 5.81 17.74 -33.46
CA GLU F 88 5.61 16.71 -34.46
C GLU F 88 4.30 15.99 -34.15
N HIS F 89 3.35 16.07 -35.07
CA HIS F 89 2.15 15.26 -35.00
C HIS F 89 2.30 14.08 -35.94
N THR F 90 1.92 12.89 -35.47
CA THR F 90 1.94 11.70 -36.31
C THR F 90 0.82 10.76 -35.90
N GLY F 91 0.52 9.82 -36.79
CA GLY F 91 -0.38 8.73 -36.44
C GLY F 91 -1.84 9.13 -36.26
N GLY F 92 -2.35 9.98 -37.13
CA GLY F 92 -3.74 10.39 -37.03
C GLY F 92 -3.98 11.64 -37.85
N GLU F 93 -5.15 12.24 -37.61
CA GLU F 93 -5.63 13.39 -38.36
C GLU F 93 -5.68 14.63 -37.49
N LEU F 94 -5.44 15.79 -38.10
CA LEU F 94 -5.77 17.08 -37.52
C LEU F 94 -7.10 17.52 -38.12
N SER F 95 -8.06 17.85 -37.26
CA SER F 95 -9.43 18.12 -37.68
C SER F 95 -9.98 19.30 -36.89
N SER F 96 -11.14 19.81 -37.34
CA SER F 96 -11.77 20.96 -36.72
C SER F 96 -13.26 20.89 -37.00
N ASN F 97 -14.04 20.41 -36.03
CA ASN F 97 -15.50 20.36 -36.12
C ASN F 97 -15.97 19.42 -37.24
N GLY F 98 -15.18 18.40 -37.54
CA GLY F 98 -15.48 17.45 -38.59
C GLY F 98 -14.64 17.61 -39.83
N LYS F 99 -14.17 18.82 -40.12
CA LYS F 99 -13.37 19.05 -41.30
C LYS F 99 -11.98 18.48 -41.10
N VAL F 100 -11.54 17.63 -42.03
CA VAL F 100 -10.19 17.06 -41.97
C VAL F 100 -9.23 18.09 -42.54
N LEU F 101 -8.23 18.47 -41.75
CA LEU F 101 -7.29 19.51 -42.13
C LEU F 101 -5.96 18.90 -42.53
C1 PTY G . -0.87 -14.24 -13.61
C2 PTY G . -4.40 -12.02 -19.90
C3 PTY G . -3.32 -11.28 -19.16
O4 PTY G . -1.12 -14.87 -12.34
C5 PTY G . -1.53 -12.28 -15.03
C6 PTY G . -1.76 -13.03 -13.73
O7 PTY G . -1.43 -12.19 -12.60
C8 PTY G . -2.19 -12.18 -11.50
O10 PTY G . -3.26 -12.70 -11.41
C11 PTY G . -1.50 -11.42 -10.38
C12 PTY G . -2.33 -11.30 -9.11
C13 PTY G . -2.19 -12.51 -8.18
C14 PTY G . -1.16 -12.29 -7.06
C15 PTY G . -1.57 -11.24 -6.03
C16 PTY G . -0.57 -11.11 -4.87
C17 PTY G . -0.37 -12.39 -4.08
C18 PTY G . 0.48 -12.17 -2.84
C19 PTY G . -0.30 -11.59 -1.66
C20 PTY G . -0.67 -12.68 -0.66
C21 PTY G . -1.38 -12.17 0.60
C22 PTY G . -1.81 -13.25 1.58
C23 PTY G . -0.69 -14.05 2.22
C24 PTY G . -1.15 -15.41 2.74
C25 PTY G . -0.01 -16.21 3.35
C26 PTY G . 0.62 -15.55 4.57
C27 PTY G . -0.39 -15.14 5.64
C28 PTY G . -1.28 -16.28 6.14
C29 PTY G . -0.54 -17.37 6.90
C30 PTY G . -0.37 -14.54 -11.29
C31 PTY G . -0.62 -15.40 -10.09
O30 PTY G . 0.41 -13.62 -11.32
C32 PTY G . 0.30 -15.04 -8.94
C33 PTY G . -0.20 -15.53 -7.59
C34 PTY G . 0.77 -15.22 -6.46
C35 PTY G . 0.32 -15.75 -5.11
C36 PTY G . 0.64 -17.24 -4.93
C37 PTY G . 0.29 -17.78 -3.56
C38 PTY G . 1.14 -17.18 -2.44
C39 PTY G . 0.41 -17.11 -1.10
C40 PTY G . -0.45 -15.88 -0.93
C41 PTY G . -1.77 -15.99 -1.69
C42 PTY G . -2.98 -15.40 -0.98
C43 PTY G . -4.24 -15.44 -1.82
C44 PTY G . -4.17 -14.48 -3.01
P1 PTY G . -1.56 -12.55 -17.67
O11 PTY G . -3.05 -11.94 -17.92
O12 PTY G . -1.33 -13.72 -18.58
O13 PTY G . -0.54 -11.45 -17.64
O14 PTY G . -1.90 -13.08 -16.14
N1 PTY G . -4.16 -13.35 -19.91
HC11 PTY G . -1.05 -14.85 -14.34
HC12 PTY G . 0.06 -13.97 -13.67
HC21 PTY G . -4.46 -11.68 -20.80
HC22 PTY G . -5.26 -11.84 -19.49
HC31 PTY G . -2.52 -11.25 -19.71
HC32 PTY G . -3.60 -10.37 -19.01
HC51 PTY G . -2.06 -11.46 -15.00
HC52 PTY G . -0.60 -12.02 -15.06
HC6 PTY G . -2.68 -13.30 -13.70
H111 PTY G . -1.26 -10.54 -10.71
H112 PTY G . -0.66 -11.87 -10.20
H121 PTY G . -2.07 -10.50 -8.63
H122 PTY G . -3.26 -11.19 -9.34
H131 PTY G . -1.93 -13.28 -8.69
H132 PTY G . -3.04 -12.71 -7.79
H141 PTY G . -0.32 -12.04 -7.45
H142 PTY G . -1.02 -13.13 -6.61
H151 PTY G . -2.45 -11.44 -5.68
H152 PTY G . -1.66 -10.38 -6.47
H161 PTY G . 0.27 -10.81 -5.22
H162 PTY G . -0.88 -10.41 -4.28
H171 PTY G . -1.23 -12.75 -3.82
H172 PTY G . 0.05 -13.06 -4.64
H181 PTY G . 0.90 -12.99 -2.57
H182 PTY G . 1.21 -11.56 -3.05
H191 PTY G . 0.22 -10.90 -1.22
H192 PTY G . -1.10 -11.16 -1.98
H201 PTY G . -1.24 -13.34 -1.09
H202 PTY G . 0.13 -13.16 -0.40
H211 PTY G . -0.79 -11.55 1.06
H212 PTY G . -2.16 -11.65 0.33
H221 PTY G . -2.40 -13.88 1.11
H222 PTY G . -2.35 -12.85 2.28
H231 PTY G . -0.30 -13.53 2.95
H232 PTY G . 0.03 -14.18 1.58
H241 PTY G . -1.85 -15.28 3.41
H242 PTY G . -1.55 -15.91 2.02
H251 PTY G . 0.68 -16.36 2.68
H252 PTY G . -0.33 -17.10 3.59
H261 PTY G . 1.26 -16.14 4.96
H262 PTY G . 1.11 -14.76 4.28
H271 PTY G . -0.95 -14.43 5.29
H272 PTY G . 0.08 -14.75 6.39
H281 PTY G . -1.74 -16.67 5.38
H282 PTY G . -1.97 -15.90 6.71
H291 PTY G . -1.14 -18.04 7.23
H292 PTY G . 0.11 -17.82 6.32
H293 PTY G . -0.05 -17.01 7.65
H311 PTY G . -1.55 -15.31 -9.83
H312 PTY G . -0.51 -16.33 -10.34
H321 PTY G . 1.18 -15.41 -9.10
H322 PTY G . 0.42 -14.08 -8.90
H331 PTY G . -1.07 -15.13 -7.39
H332 PTY G . -0.36 -16.49 -7.63
H341 PTY G . 1.64 -15.59 -6.68
H342 PTY G . 0.89 -14.26 -6.40
H351 PTY G . -0.63 -15.60 -5.00
H352 PTY G . 0.75 -15.24 -4.40
H361 PTY G . 1.58 -17.38 -5.12
H362 PTY G . 0.15 -17.74 -5.61
H371 PTY G . -0.65 -17.62 -3.37
H372 PTY G . 0.41 -18.74 -3.55
H381 PTY G . 1.95 -17.70 -2.34
H382 PTY G . 1.42 -16.28 -2.69
H391 PTY G . -0.14 -17.91 -0.99
H392 PTY G . 1.08 -17.14 -0.39
H401 PTY G . -0.63 -15.73 0.01
H402 PTY G . 0.03 -15.10 -1.24
H411 PTY G . -1.67 -15.55 -2.55
H412 PTY G . -1.95 -16.92 -1.87
H421 PTY G . -3.14 -15.87 -0.15
H422 PTY G . -2.79 -14.48 -0.72
H431 PTY G . -5.01 -15.22 -1.28
H432 PTY G . -4.39 -16.34 -2.14
H441 PTY G . -3.98 -13.57 -2.72
H442 PTY G . -5.02 -14.45 -3.50
H443 PTY G . -3.49 -14.73 -3.64
HN11 PTY G . -4.10 -13.65 -19.07
HN12 PTY G . -4.10 -13.64 -20.75
C1 PTY H . 3.06 12.21 13.84
C2 PTY H . 5.94 10.84 20.00
C3 PTY H . 4.45 10.86 19.74
O4 PTY H . 2.57 12.89 12.69
C5 PTY H . 2.84 10.07 15.15
C6 PTY H . 2.37 10.87 13.95
O7 PTY H . 2.66 10.16 12.74
C8 PTY H . 1.84 10.23 11.69
O10 PTY H . 0.73 10.68 11.73
C11 PTY H . 2.52 9.71 10.45
C12 PTY H . 1.85 10.12 9.16
C13 PTY H . 2.74 9.86 7.95
C14 PTY H . 2.25 10.50 6.67
C15 PTY H . 3.27 10.38 5.53
C16 PTY H . 2.81 11.07 4.25
C17 PTY H . 3.75 10.79 3.08
C18 PTY H . 3.30 11.47 1.78
C19 PTY H . 1.88 11.09 1.36
C20 PTY H . 1.48 11.71 0.03
C21 PTY H . -0.01 11.56 -0.26
C22 PTY H . -0.40 12.12 -1.62
C23 PTY H . -0.48 13.64 -1.64
C24 PTY H . -0.09 14.23 -2.99
C25 PTY H . 1.41 14.23 -3.23
C26 PTY H . 1.75 14.14 -4.71
C27 PTY H . 1.11 15.23 -5.56
C28 PTY H . 1.37 15.04 -7.04
C29 PTY H . 0.69 16.10 -7.90
C30 PTY H . 3.23 12.79 11.53
C31 PTY H . 2.57 13.57 10.43
O30 PTY H . 4.24 12.13 11.40
C32 PTY H . 3.33 13.49 9.12
C33 PTY H . 2.55 14.08 7.95
C34 PTY H . 3.43 14.34 6.73
C35 PTY H . 2.68 14.96 5.57
C36 PTY H . 3.58 15.83 4.70
C37 PTY H . 2.98 16.20 3.36
C38 PTY H . 3.05 15.05 2.36
C39 PTY H . 2.27 15.31 1.07
C40 PTY H . 0.77 15.43 1.30
C41 PTY H . 0.18 14.31 2.13
C42 PTY H . -1.34 14.27 2.08
C43 PTY H . -1.97 13.41 3.17
C44 PTY H . -1.52 11.95 3.10
P1 PTY H . 2.88 10.03 17.79
O11 PTY H . 4.18 10.87 18.34
O12 PTY H . 1.70 10.32 18.65
O13 PTY H . 3.28 8.61 17.56
O14 PTY H . 2.77 10.83 16.34
N1 PTY H . 6.49 12.05 19.85
HC11 PTY H . 4.02 12.06 13.77
HC12 PTY H . 2.90 12.72 14.65
HC21 PTY H . 6.35 10.20 19.40
HC22 PTY H . 6.10 10.50 20.89
HC31 PTY H . 4.07 11.64 20.18
HC32 PTY H . 4.05 10.07 20.16
HC51 PTY H . 3.75 9.78 14.97
HC52 PTY H . 2.29 9.28 15.20
HC6 PTY H . 1.42 11.03 14.05
H111 PTY H . 2.57 8.74 10.52
H112 PTY H . 3.44 10.02 10.47
H121 PTY H . 1.62 11.06 9.18
H122 PTY H . 1.01 9.64 9.04
H131 PTY H . 3.64 10.17 8.15
H132 PTY H . 2.83 8.90 7.83
H141 PTY H . 2.06 11.43 6.82
H142 PTY H . 1.41 10.10 6.39
H151 PTY H . 3.44 9.44 5.36
H152 PTY H . 4.11 10.76 5.82
H161 PTY H . 1.92 10.77 4.02
H162 PTY H . 2.76 12.02 4.40
H171 PTY H . 4.65 11.10 3.30
H172 PTY H . 3.81 9.84 2.93
H181 PTY H . 3.35 12.43 1.90
H182 PTY H . 3.92 11.24 1.07
H191 PTY H . 1.25 11.37 2.04
H192 PTY H . 1.81 10.13 1.30
H201 PTY H . 1.73 12.64 0.02
H202 PTY H . 1.99 11.29 -0.69
H211 PTY H . -0.26 10.63 -0.21
H212 PTY H . -0.51 12.02 0.43
H221 PTY H . -1.26 11.76 -1.88
H222 PTY H . 0.23 11.82 -2.29
H231 PTY H . 0.09 14.01 -0.95
H232 PTY H . -1.38 13.92 -1.42
H241 PTY H . -0.43 15.13 -3.07
H242 PTY H . -0.53 13.72 -3.70
H251 PTY H . 1.83 13.50 -2.75
H252 PTY H . 1.80 15.04 -2.86
H261 PTY H . 2.72 14.18 -4.82
H262 PTY H . 1.49 13.27 -5.04
H271 PTY H . 1.43 16.09 -5.28
H272 PTY H . 0.15 15.24 -5.40
H281 PTY H . 2.34 15.06 -7.20
H282 PTY H . 1.08 14.15 -7.32
H291 PTY H . 1.00 16.99 -7.68
H292 PTY H . -0.27 16.09 -7.78
H293 PTY H . 0.86 15.97 -8.85
H311 PTY H . 1.67 13.22 10.31
H312 PTY H . 2.47 14.48 10.71
H321 PTY H . 4.18 13.97 9.20
H322 PTY H . 3.56 12.57 8.92
H331 PTY H . 2.11 14.90 8.22
H332 PTY H . 1.83 13.46 7.70
H341 PTY H . 3.85 13.52 6.45
H342 PTY H . 4.17 14.92 7.00
H351 PTY H . 2.28 14.25 5.03
H352 PTY H . 1.94 15.48 5.91
H361 PTY H . 3.79 16.64 5.19
H362 PTY H . 4.42 15.38 4.56
H371 PTY H . 3.44 16.98 3.00
H372 PTY H . 2.05 16.47 3.47
H381 PTY H . 2.72 14.24 2.78
H382 PTY H . 3.97 14.88 2.14
H391 PTY H . 2.60 16.12 0.66
H392 PTY H . 2.44 14.59 0.45
H401 PTY H . 0.32 15.47 0.44
H402 PTY H . 0.58 16.28 1.74
H411 PTY H . 0.46 14.40 3.06
H412 PTY H . 0.53 13.46 1.82
H421 PTY H . -1.63 13.93 1.21
H422 PTY H . -1.69 15.17 2.15
H431 PTY H . -2.94 13.45 3.10
H432 PTY H . -1.75 13.77 4.03
H441 PTY H . -1.97 11.40 3.77
H442 PTY H . -1.72 11.55 2.23
H443 PTY H . -0.56 11.86 3.24
HN11 PTY H . 6.11 12.63 20.41
HN12 PTY H . 7.13 12.01 19.22
#